data_9G34
#
_entry.id   9G34
#
_cell.length_a   45.654
_cell.length_b   72.336
_cell.length_c   101.942
_cell.angle_alpha   90.000
_cell.angle_beta   95.873
_cell.angle_gamma   90.000
#
_symmetry.space_group_name_H-M   'P 1 21 1'
#
loop_
_entity.id
_entity.type
_entity.pdbx_description
1 polymer Endothiapepsin
2 non-polymer (3R,3AS,6AR)-HEXAHYDROFURO[2,3-B]FURAN-3-YL(1S,2R)-3-[[(4-AMINOPHENYL)SULFONYL](ISOBUTYL)AMINO]-1-BENZYL-2-HYDROXYPROPYLCARBAMATE
3 non-polymer 'DIMETHYL SULFOXIDE'
4 non-polymer 'SODIUM ION'
5 non-polymer 1,2-ETHANEDIOL
6 water water
#
_entity_poly.entity_id   1
_entity_poly.type   'polypeptide(L)'
_entity_poly.pdbx_seq_one_letter_code
;STGSATTTPIDSLDDAYITPVQIGTPAQTLNLDFDTGSSDLWVFSSETTASEVDGQTIYTPSKSTTAKLLSGATWSISYG
DGSSSSGDVYTDTVSVGGLTVTGQAVESAKKVSSSFTEDSTIDGLLGLAFSTLNTVSPTQQKTFFDNAKASLDSPVFTAD
LGYHAPGTYNFGFIDTTAYTGSITYTAVSTKQGFWEWTSTGYAVGSGTFKSTSIDGIADTGTTLLYLPATVVSAYWAQVS
GAKSSSSVGGYVFPCSATLPSFTFGVGSARIVIPGDYIDFGPISTGSSSCFGGIQSSAGIGINIFGDVALKAAFVVFNGA
TTPTLGFASK
;
_entity_poly.pdbx_strand_id   A,B
#
loop_
_chem_comp.id
_chem_comp.type
_chem_comp.name
_chem_comp.formula
017 non-polymer (3R,3AS,6AR)-HEXAHYDROFURO[2,3-B]FURAN-3-YL(1S,2R)-3-[[(4-AMINOPHENYL)SULFONYL](ISOBUTYL)AMINO]-1-BENZYL-2-HYDROXYPROPYLCARBAMATE 'C27 H37 N3 O7 S'
DMS non-polymer 'DIMETHYL SULFOXIDE' 'C2 H6 O S'
EDO non-polymer 1,2-ETHANEDIOL 'C2 H6 O2'
NA non-polymer 'SODIUM ION' 'Na 1'
#
# COMPACT_ATOMS: atom_id res chain seq x y z
N SER A 1 36.21 -8.16 4.71
CA SER A 1 35.83 -6.76 4.73
C SER A 1 35.42 -6.32 6.14
N THR A 2 35.35 -5.00 6.34
CA THR A 2 34.83 -4.43 7.58
C THR A 2 34.06 -3.16 7.25
N GLY A 3 33.30 -2.69 8.23
CA GLY A 3 32.71 -1.36 8.17
C GLY A 3 32.72 -0.74 9.55
N SER A 4 32.65 0.59 9.59
CA SER A 4 32.65 1.32 10.86
C SER A 4 31.87 2.62 10.65
N ALA A 5 30.82 2.83 11.44
CA ALA A 5 29.98 4.02 11.32
C ALA A 5 29.70 4.62 12.68
N THR A 6 29.67 5.94 12.74
CA THR A 6 29.32 6.64 13.97
C THR A 6 27.81 6.70 14.12
N THR A 7 27.34 6.46 15.33
CA THR A 7 25.92 6.58 15.66
C THR A 7 25.74 7.73 16.66
N THR A 8 24.69 8.53 16.46
CA THR A 8 24.55 9.83 17.12
C THR A 8 23.19 9.91 17.81
N PRO A 9 23.12 10.34 19.06
CA PRO A 9 21.81 10.53 19.71
C PRO A 9 20.95 11.51 18.92
N ILE A 10 19.65 11.24 18.86
CA ILE A 10 18.72 12.13 18.16
C ILE A 10 18.43 13.40 18.93
N ASP A 11 18.71 13.42 20.23
CA ASP A 11 18.40 14.55 21.09
C ASP A 11 19.30 14.49 22.32
N SER A 12 19.10 15.45 23.23
CA SER A 12 20.00 15.63 24.36
C SER A 12 19.82 14.57 25.44
N LEU A 13 18.86 13.68 25.30
CA LEU A 13 18.57 12.66 26.31
C LEU A 13 18.84 11.25 25.82
N ASP A 14 19.40 11.08 24.61
CA ASP A 14 19.64 9.76 24.04
C ASP A 14 18.33 8.98 23.86
N ASP A 15 17.29 9.67 23.39
CA ASP A 15 16.01 8.98 23.21
C ASP A 15 16.06 7.94 22.11
N ALA A 16 17.03 8.05 21.20
CA ALA A 16 17.32 7.07 20.16
C ALA A 16 18.66 7.47 19.55
N TYR A 17 19.23 6.57 18.75
CA TYR A 17 20.48 6.83 18.04
C TYR A 17 20.27 6.61 16.54
N ILE A 18 20.88 7.47 15.72
CA ILE A 18 20.77 7.38 14.26
C ILE A 18 22.15 7.20 13.64
N THR A 19 22.21 6.41 12.57
CA THR A 19 23.44 6.06 11.89
C THR A 19 23.23 6.29 10.40
N PRO A 20 24.12 7.01 9.72
CA PRO A 20 23.92 7.25 8.28
C PRO A 20 24.16 5.99 7.47
N VAL A 21 23.29 5.77 6.49
CA VAL A 21 23.30 4.59 5.62
C VAL A 21 23.16 5.05 4.18
N GLN A 22 24.04 4.57 3.30
CA GLN A 22 23.98 4.91 1.89
C GLN A 22 23.17 3.85 1.15
N ILE A 23 22.12 4.28 0.45
CA ILE A 23 21.24 3.37 -0.28
C ILE A 23 21.19 3.78 -1.75
N GLY A 24 21.41 2.82 -2.64
CA GLY A 24 21.19 3.07 -4.05
C GLY A 24 22.38 3.66 -4.79
N THR A 25 22.15 3.95 -6.07
CA THR A 25 23.17 4.48 -6.97
C THR A 25 22.56 5.56 -7.85
N PRO A 26 23.03 6.81 -7.76
CA PRO A 26 24.02 7.28 -6.78
C PRO A 26 23.46 7.17 -5.36
N ALA A 27 24.36 7.28 -4.38
CA ALA A 27 23.96 7.05 -3.00
C ALA A 27 22.92 8.05 -2.55
N GLN A 28 21.93 7.56 -1.83
CA GLN A 28 20.97 8.37 -1.09
C GLN A 28 21.21 8.06 0.38
N THR A 29 21.64 9.06 1.16
CA THR A 29 22.00 8.84 2.56
C THR A 29 20.80 9.11 3.45
N LEU A 30 20.39 8.10 4.20
CA LEU A 30 19.31 8.19 5.18
C LEU A 30 19.86 7.86 6.56
N ASN A 31 19.29 8.46 7.58
CA ASN A 31 19.70 8.23 8.95
C ASN A 31 18.76 7.22 9.58
N LEU A 32 19.27 6.01 9.84
CA LEU A 32 18.44 4.90 10.28
C LEU A 32 18.71 4.55 11.75
N ASP A 33 17.69 4.01 12.40
CA ASP A 33 17.77 3.54 13.77
C ASP A 33 18.18 2.06 13.73
N PHE A 34 19.42 1.77 14.11
CA PHE A 34 19.91 0.39 14.13
C PHE A 34 19.30 -0.34 15.32
N ASP A 35 18.59 -1.44 15.04
CA ASP A 35 17.69 -2.05 16.01
C ASP A 35 17.99 -3.55 16.11
N THR A 36 18.76 -3.95 17.11
CA THR A 36 19.05 -5.38 17.30
C THR A 36 17.86 -6.19 17.82
N GLY A 37 16.70 -5.55 17.99
CA GLY A 37 15.47 -6.23 18.36
C GLY A 37 14.44 -6.39 17.27
N SER A 38 14.76 -6.09 16.01
CA SER A 38 13.89 -6.38 14.90
C SER A 38 14.74 -6.66 13.68
N SER A 39 14.09 -7.07 12.57
CA SER A 39 14.84 -7.65 11.46
C SER A 39 14.43 -7.15 10.08
N ASP A 40 13.84 -5.95 10.01
CA ASP A 40 13.45 -5.34 8.75
C ASP A 40 14.27 -4.06 8.57
N LEU A 41 14.77 -3.85 7.36
CA LEU A 41 15.40 -2.59 6.95
C LEU A 41 14.33 -1.87 6.15
N TRP A 42 13.70 -0.85 6.73
CA TRP A 42 12.65 -0.13 6.04
C TRP A 42 12.92 1.37 6.10
N VAL A 43 12.45 2.09 5.08
CA VAL A 43 12.75 3.51 4.93
C VAL A 43 11.51 4.30 4.53
N PHE A 44 11.46 5.56 5.00
CA PHE A 44 10.59 6.55 4.39
C PHE A 44 10.97 6.67 2.93
N SER A 45 9.99 6.89 2.04
CA SER A 45 10.26 6.79 0.62
CA SER A 45 10.26 6.80 0.63
C SER A 45 9.36 7.74 -0.16
N SER A 46 9.65 7.84 -1.46
CA SER A 46 8.79 8.57 -2.38
C SER A 46 7.41 7.94 -2.47
N GLU A 47 7.23 6.72 -1.96
CA GLU A 47 5.95 6.03 -1.96
C GLU A 47 5.16 6.25 -0.68
N THR A 48 5.76 6.86 0.34
CA THR A 48 5.05 7.07 1.60
C THR A 48 3.97 8.11 1.43
N THR A 49 2.77 7.81 1.94
CA THR A 49 1.66 8.75 1.93
C THR A 49 2.15 10.14 2.34
N ALA A 50 1.85 11.13 1.49
CA ALA A 50 2.46 12.44 1.67
C ALA A 50 2.17 13.04 3.04
N SER A 51 0.95 12.89 3.53
CA SER A 51 0.58 13.46 4.82
C SER A 51 1.32 12.80 5.98
N GLU A 52 1.96 11.67 5.75
CA GLU A 52 2.68 10.94 6.80
C GLU A 52 4.17 11.22 6.78
N VAL A 53 4.64 12.09 5.90
CA VAL A 53 6.04 12.53 5.87
C VAL A 53 6.09 13.95 6.39
N ASP A 54 6.97 14.18 7.38
CA ASP A 54 7.11 15.50 7.99
C ASP A 54 8.58 15.69 8.39
N GLY A 55 9.41 15.97 7.39
CA GLY A 55 10.80 16.32 7.62
C GLY A 55 11.80 15.19 7.41
N GLN A 56 11.35 13.95 7.28
CA GLN A 56 12.27 12.85 7.07
C GLN A 56 12.89 12.92 5.68
N THR A 57 14.11 12.40 5.55
CA THR A 57 14.70 12.17 4.25
C THR A 57 14.13 10.88 3.66
N ILE A 58 13.79 10.93 2.37
CA ILE A 58 13.13 9.81 1.70
C ILE A 58 14.08 9.14 0.72
N TYR A 59 13.87 7.84 0.56
CA TYR A 59 14.48 7.05 -0.50
C TYR A 59 13.55 7.07 -1.71
N THR A 60 14.12 7.36 -2.88
CA THR A 60 13.36 7.38 -4.12
C THR A 60 13.92 6.29 -5.03
N PRO A 61 13.32 5.10 -5.04
CA PRO A 61 13.91 4.00 -5.82
C PRO A 61 14.04 4.29 -7.31
N SER A 62 13.14 5.09 -7.88
CA SER A 62 13.21 5.38 -9.31
C SER A 62 14.46 6.15 -9.68
N LYS A 63 15.11 6.78 -8.72
CA LYS A 63 16.35 7.52 -8.97
C LYS A 63 17.59 6.67 -8.74
N SER A 64 17.43 5.41 -8.36
CA SER A 64 18.57 4.54 -8.10
C SER A 64 18.69 3.55 -9.25
N THR A 65 19.83 3.59 -9.96
CA THR A 65 19.99 2.72 -11.12
C THR A 65 20.19 1.27 -10.74
N THR A 66 20.42 0.96 -9.47
CA THR A 66 20.59 -0.40 -9.00
C THR A 66 19.36 -0.97 -8.31
N ALA A 67 18.30 -0.17 -8.14
CA ALA A 67 17.10 -0.65 -7.48
C ALA A 67 16.29 -1.55 -8.41
N LYS A 68 15.71 -2.60 -7.84
CA LYS A 68 14.83 -3.50 -8.58
C LYS A 68 13.67 -3.87 -7.68
N LEU A 69 12.45 -3.69 -8.18
CA LEU A 69 11.28 -4.09 -7.41
C LEU A 69 11.29 -5.60 -7.24
N LEU A 70 11.06 -6.06 -6.02
CA LEU A 70 10.97 -7.49 -5.74
C LEU A 70 9.51 -7.90 -5.98
N SER A 71 9.29 -8.70 -7.03
CA SER A 71 7.95 -8.93 -7.53
C SER A 71 7.08 -9.63 -6.51
N GLY A 72 5.92 -9.06 -6.22
CA GLY A 72 4.94 -9.64 -5.33
C GLY A 72 5.23 -9.51 -3.86
N ALA A 73 6.33 -8.86 -3.47
CA ALA A 73 6.75 -8.84 -2.07
C ALA A 73 6.17 -7.63 -1.36
N THR A 74 5.61 -7.85 -0.18
CA THR A 74 5.15 -6.77 0.69
C THR A 74 5.67 -7.03 2.10
N TRP A 75 5.54 -6.01 2.94
CA TRP A 75 5.96 -6.12 4.34
C TRP A 75 5.01 -5.29 5.20
N SER A 76 4.92 -5.69 6.47
CA SER A 76 4.06 -5.02 7.44
C SER A 76 4.56 -5.38 8.82
N ILE A 77 4.86 -4.38 9.62
CA ILE A 77 5.49 -4.60 10.91
C ILE A 77 4.76 -3.79 11.98
N SER A 78 4.68 -4.37 13.17
CA SER A 78 4.12 -3.70 14.34
CA SER A 78 4.11 -3.72 14.35
C SER A 78 5.10 -3.87 15.49
N TYR A 79 5.42 -2.77 16.15
CA TYR A 79 6.48 -2.75 17.15
C TYR A 79 5.90 -2.68 18.56
N GLY A 80 6.78 -2.89 19.55
CA GLY A 80 6.37 -2.96 20.94
C GLY A 80 5.77 -1.68 21.47
N ASP A 81 6.11 -0.54 20.90
CA ASP A 81 5.56 0.74 21.33
C ASP A 81 4.23 1.07 20.67
N GLY A 82 3.65 0.13 19.91
CA GLY A 82 2.41 0.36 19.21
C GLY A 82 2.54 0.99 17.84
N SER A 83 3.75 1.34 17.42
CA SER A 83 3.94 1.94 16.10
C SER A 83 3.96 0.86 15.03
N SER A 84 3.85 1.28 13.78
CA SER A 84 3.75 0.33 12.67
C SER A 84 4.11 1.02 11.37
N SER A 85 4.40 0.19 10.37
CA SER A 85 4.64 0.66 9.01
C SER A 85 4.51 -0.52 8.06
N SER A 86 4.36 -0.23 6.77
CA SER A 86 4.14 -1.27 5.78
C SER A 86 4.42 -0.73 4.37
N GLY A 87 4.65 -1.63 3.43
CA GLY A 87 4.86 -1.21 2.05
C GLY A 87 5.30 -2.34 1.14
N ASP A 88 6.07 -1.98 0.11
CA ASP A 88 6.62 -2.92 -0.87
C ASP A 88 8.14 -3.00 -0.71
N VAL A 89 8.80 -3.72 -1.61
CA VAL A 89 10.19 -4.12 -1.39
C VAL A 89 11.00 -3.96 -2.67
N TYR A 90 12.18 -3.34 -2.53
CA TYR A 90 13.19 -3.27 -3.58
C TYR A 90 14.44 -3.99 -3.10
N THR A 91 15.22 -4.50 -4.03
CA THR A 91 16.60 -4.85 -3.71
C THR A 91 17.48 -3.71 -4.23
N ASP A 92 18.50 -3.37 -3.46
CA ASP A 92 19.39 -2.28 -3.85
C ASP A 92 20.70 -2.44 -3.09
N THR A 93 21.67 -1.62 -3.47
CA THR A 93 22.97 -1.60 -2.79
C THR A 93 22.88 -0.75 -1.54
N VAL A 94 23.39 -1.27 -0.43
CA VAL A 94 23.35 -0.60 0.87
C VAL A 94 24.74 -0.63 1.47
N SER A 95 25.25 0.53 1.88
CA SER A 95 26.56 0.63 2.49
C SER A 95 26.45 1.28 3.87
N VAL A 96 27.18 0.72 4.82
CA VAL A 96 27.25 1.23 6.18
C VAL A 96 28.73 1.40 6.51
N GLY A 97 29.17 2.63 6.68
CA GLY A 97 30.53 2.84 7.14
C GLY A 97 31.58 2.18 6.29
N GLY A 98 31.35 2.14 4.97
CA GLY A 98 32.32 1.56 4.06
C GLY A 98 32.12 0.09 3.73
N LEU A 99 31.19 -0.59 4.40
CA LEU A 99 30.85 -1.98 4.11
C LEU A 99 29.63 -2.00 3.20
N THR A 100 29.73 -2.69 2.06
CA THR A 100 28.70 -2.65 1.03
C THR A 100 28.06 -4.02 0.85
N VAL A 101 26.74 -4.05 0.82
CA VAL A 101 25.97 -5.25 0.47
C VAL A 101 25.19 -4.94 -0.80
N THR A 102 25.37 -5.76 -1.83
CA THR A 102 24.52 -5.66 -3.01
C THR A 102 23.32 -6.58 -2.85
N GLY A 103 22.20 -6.18 -3.44
CA GLY A 103 21.00 -6.99 -3.37
C GLY A 103 20.33 -7.02 -2.01
N GLN A 104 20.55 -6.01 -1.18
CA GLN A 104 19.87 -5.94 0.10
C GLN A 104 18.40 -5.60 -0.11
N ALA A 105 17.53 -6.28 0.63
CA ALA A 105 16.11 -5.94 0.62
C ALA A 105 15.92 -4.63 1.38
N VAL A 106 15.43 -3.62 0.67
CA VAL A 106 15.12 -2.30 1.21
C VAL A 106 13.60 -2.19 1.15
N GLU A 107 12.99 -2.14 2.33
CA GLU A 107 11.53 -2.15 2.45
C GLU A 107 11.04 -0.71 2.41
N SER A 108 10.35 -0.35 1.34
CA SER A 108 9.90 1.02 1.09
C SER A 108 8.52 1.23 1.70
N ALA A 109 8.39 2.20 2.59
CA ALA A 109 7.13 2.41 3.29
C ALA A 109 6.11 3.11 2.41
N LYS A 110 4.91 2.52 2.32
CA LYS A 110 3.75 3.23 1.82
C LYS A 110 2.94 3.87 2.94
N LYS A 111 3.00 3.29 4.14
CA LYS A 111 2.29 3.80 5.30
C LYS A 111 3.21 3.72 6.51
N VAL A 112 3.15 4.74 7.34
CA VAL A 112 3.80 4.75 8.65
C VAL A 112 2.79 5.29 9.65
N SER A 113 2.92 4.86 10.91
CA SER A 113 2.06 5.34 11.97
C SER A 113 2.55 6.69 12.52
N SER A 114 1.69 7.31 13.34
CA SER A 114 1.88 8.72 13.71
C SER A 114 3.20 8.97 14.43
N SER A 115 3.65 8.02 15.25
CA SER A 115 4.89 8.27 15.97
CA SER A 115 4.90 8.23 15.97
C SER A 115 6.07 8.41 15.02
N PHE A 116 6.09 7.64 13.93
CA PHE A 116 7.15 7.79 12.95
C PHE A 116 7.07 9.14 12.24
N THR A 117 5.87 9.52 11.79
CA THR A 117 5.68 10.83 11.17
C THR A 117 6.17 11.96 12.06
N GLU A 118 5.85 11.89 13.36
CA GLU A 118 6.15 12.95 14.30
C GLU A 118 7.62 13.05 14.68
N ASP A 119 8.44 12.07 14.32
CA ASP A 119 9.86 12.09 14.63
C ASP A 119 10.63 12.35 13.34
N SER A 120 10.99 13.62 13.13
CA SER A 120 11.66 14.00 11.89
C SER A 120 13.10 13.51 11.81
N THR A 121 13.66 12.99 12.90
CA THR A 121 15.08 12.63 12.93
C THR A 121 15.36 11.20 12.47
N ILE A 122 14.35 10.34 12.38
CA ILE A 122 14.55 8.93 12.07
C ILE A 122 13.94 8.64 10.70
N ASP A 123 14.79 8.29 9.73
CA ASP A 123 14.35 8.07 8.35
C ASP A 123 13.98 6.62 8.08
N GLY A 124 14.08 5.76 9.08
CA GLY A 124 13.76 4.36 8.92
C GLY A 124 14.53 3.54 9.95
N LEU A 125 14.42 2.23 9.81
CA LEU A 125 15.02 1.26 10.73
C LEU A 125 15.95 0.35 9.96
N LEU A 126 17.02 -0.10 10.63
CA LEU A 126 17.88 -1.15 10.10
C LEU A 126 17.92 -2.25 11.16
N GLY A 127 17.19 -3.33 10.89
CA GLY A 127 17.06 -4.41 11.85
C GLY A 127 18.30 -5.30 11.88
N LEU A 128 18.71 -5.68 13.10
CA LEU A 128 19.90 -6.50 13.33
C LEU A 128 19.61 -7.68 14.25
N ALA A 129 18.35 -8.01 14.47
CA ALA A 129 17.98 -9.28 15.09
C ALA A 129 18.12 -10.39 14.03
N PHE A 130 17.63 -11.58 14.34
CA PHE A 130 17.82 -12.70 13.41
C PHE A 130 16.78 -12.66 12.30
N SER A 131 17.18 -13.13 11.12
CA SER A 131 16.38 -12.96 9.92
C SER A 131 15.05 -13.71 9.99
N THR A 132 14.93 -14.67 10.91
CA THR A 132 13.65 -15.36 11.11
C THR A 132 12.52 -14.40 11.49
N LEU A 133 12.82 -13.20 11.99
CA LEU A 133 11.78 -12.22 12.31
C LEU A 133 11.43 -11.28 11.16
N ASN A 134 12.12 -11.38 10.02
CA ASN A 134 11.82 -10.46 8.93
C ASN A 134 10.38 -10.67 8.43
N THR A 135 9.68 -9.56 8.15
CA THR A 135 8.26 -9.64 7.83
C THR A 135 7.94 -9.73 6.34
N VAL A 136 8.93 -9.72 5.45
CA VAL A 136 8.60 -9.71 4.03
C VAL A 136 7.87 -11.00 3.65
N SER A 137 6.82 -10.85 2.85
CA SER A 137 5.98 -11.95 2.37
C SER A 137 5.79 -11.81 0.87
N PRO A 138 5.72 -12.92 0.13
CA PRO A 138 5.70 -14.30 0.61
C PRO A 138 7.09 -14.94 0.82
N THR A 139 8.16 -14.20 0.54
CA THR A 139 9.52 -14.72 0.67
C THR A 139 10.29 -13.85 1.67
N GLN A 140 10.53 -14.39 2.85
N GLN A 140 10.58 -14.42 2.84
CA GLN A 140 11.27 -13.65 3.87
CA GLN A 140 11.28 -13.71 3.89
C GLN A 140 12.63 -13.23 3.31
C GLN A 140 12.70 -13.32 3.45
N GLN A 141 13.12 -12.11 3.83
CA GLN A 141 14.39 -11.54 3.39
C GLN A 141 15.39 -11.47 4.55
N LYS A 142 16.66 -11.33 4.19
CA LYS A 142 17.76 -11.34 5.15
C LYS A 142 18.14 -9.94 5.62
N THR A 143 18.63 -9.86 6.86
CA THR A 143 19.13 -8.59 7.38
C THR A 143 20.44 -8.21 6.70
N PHE A 144 20.78 -6.92 6.86
CA PHE A 144 22.06 -6.42 6.36
C PHE A 144 23.23 -7.23 6.90
N PHE A 145 23.21 -7.56 8.19
CA PHE A 145 24.30 -8.32 8.79
C PHE A 145 24.36 -9.74 8.22
N ASP A 146 23.20 -10.38 8.08
CA ASP A 146 23.15 -11.72 7.51
CA ASP A 146 23.19 -11.72 7.52
C ASP A 146 23.74 -11.74 6.11
N ASN A 147 23.40 -10.74 5.29
CA ASN A 147 23.92 -10.66 3.93
C ASN A 147 25.42 -10.39 3.92
N ALA A 148 25.93 -9.60 4.87
CA ALA A 148 27.34 -9.22 4.87
C ALA A 148 28.24 -10.27 5.51
N LYS A 149 27.67 -11.16 6.34
CA LYS A 149 28.45 -11.91 7.32
C LYS A 149 29.59 -12.70 6.68
N ALA A 150 29.30 -13.40 5.59
CA ALA A 150 30.30 -14.29 5.00
C ALA A 150 31.50 -13.51 4.48
N SER A 151 31.30 -12.26 4.07
CA SER A 151 32.38 -11.44 3.54
CA SER A 151 32.38 -11.44 3.54
C SER A 151 33.20 -10.77 4.63
N LEU A 152 32.68 -10.68 5.86
CA LEU A 152 33.36 -9.96 6.92
C LEU A 152 34.61 -10.70 7.37
N ASP A 153 35.60 -9.95 7.87
CA ASP A 153 36.80 -10.58 8.41
C ASP A 153 36.46 -11.56 9.53
N SER A 154 35.51 -11.20 10.39
CA SER A 154 34.97 -12.06 11.45
C SER A 154 33.48 -11.83 11.45
N PRO A 155 32.66 -12.87 11.69
CA PRO A 155 31.20 -12.74 11.56
C PRO A 155 30.54 -12.10 12.77
N VAL A 156 30.90 -10.83 13.04
CA VAL A 156 30.46 -10.12 14.24
C VAL A 156 30.13 -8.68 13.88
N PHE A 157 29.32 -8.05 14.73
CA PHE A 157 29.25 -6.60 14.77
C PHE A 157 29.28 -6.18 16.24
N THR A 158 29.67 -4.93 16.47
CA THR A 158 29.80 -4.42 17.83
C THR A 158 29.05 -3.11 17.97
N ALA A 159 28.48 -2.90 19.15
CA ALA A 159 27.79 -1.67 19.50
C ALA A 159 28.53 -1.00 20.65
N ASP A 160 28.89 0.26 20.46
CA ASP A 160 29.61 1.05 21.45
C ASP A 160 28.85 2.38 21.53
N LEU A 161 27.74 2.39 22.26
CA LEU A 161 26.89 3.56 22.35
C LEU A 161 27.42 4.52 23.40
N GLY A 162 27.33 5.82 23.10
CA GLY A 162 27.75 6.84 24.04
C GLY A 162 26.62 7.34 24.93
N TYR A 163 27.01 7.81 26.11
CA TYR A 163 26.10 8.53 27.01
C TYR A 163 26.16 10.00 26.63
N HIS A 164 25.04 10.53 26.15
CA HIS A 164 24.95 11.93 25.73
C HIS A 164 26.09 12.30 24.77
N ALA A 165 26.42 11.37 23.88
CA ALA A 165 27.55 11.55 22.97
C ALA A 165 27.44 10.53 21.85
N PRO A 166 28.08 10.77 20.71
CA PRO A 166 28.11 9.76 19.65
C PRO A 166 28.88 8.52 20.07
N GLY A 167 28.63 7.44 19.34
CA GLY A 167 29.27 6.15 19.55
C GLY A 167 29.54 5.50 18.21
N THR A 168 29.74 4.17 18.20
CA THR A 168 30.22 3.49 17.00
C THR A 168 29.57 2.13 16.84
N TYR A 169 29.17 1.81 15.60
CA TYR A 169 28.85 0.45 15.17
C TYR A 169 29.96 -0.02 14.25
N ASN A 170 30.60 -1.13 14.62
CA ASN A 170 31.61 -1.78 13.77
C ASN A 170 31.09 -3.11 13.27
N PHE A 171 31.47 -3.45 12.04
CA PHE A 171 31.13 -4.72 11.41
C PHE A 171 32.43 -5.42 11.01
N GLY A 172 32.59 -6.66 11.49
CA GLY A 172 33.66 -7.52 11.02
C GLY A 172 34.93 -7.50 11.83
N PHE A 173 35.01 -6.70 12.90
CA PHE A 173 36.24 -6.67 13.70
C PHE A 173 35.89 -6.13 15.08
N ILE A 174 36.76 -6.44 16.04
CA ILE A 174 36.65 -5.96 17.41
C ILE A 174 37.78 -4.97 17.66
N ASP A 175 37.41 -3.74 17.99
CA ASP A 175 38.39 -2.67 18.27
C ASP A 175 38.84 -2.83 19.72
N THR A 176 40.04 -3.38 19.92
CA THR A 176 40.52 -3.70 21.26
C THR A 176 40.87 -2.46 22.07
N THR A 177 40.84 -1.28 21.47
CA THR A 177 41.02 -0.03 22.21
C THR A 177 39.71 0.55 22.72
N ALA A 178 38.58 -0.04 22.37
CA ALA A 178 37.28 0.53 22.70
C ALA A 178 36.73 0.03 24.04
N TYR A 179 37.47 -0.78 24.78
CA TYR A 179 36.98 -1.30 26.05
C TYR A 179 38.17 -1.52 26.98
N THR A 180 37.85 -1.72 28.26
CA THR A 180 38.83 -2.06 29.29
C THR A 180 38.58 -3.48 29.76
N GLY A 181 39.60 -4.07 30.39
CA GLY A 181 39.44 -5.45 30.86
C GLY A 181 39.21 -6.41 29.71
N SER A 182 38.53 -7.51 29.99
CA SER A 182 38.26 -8.53 28.98
C SER A 182 36.80 -8.49 28.54
N ILE A 183 36.52 -9.11 27.41
CA ILE A 183 35.16 -9.34 26.95
C ILE A 183 34.70 -10.68 27.50
N THR A 184 33.59 -10.68 28.24
CA THR A 184 32.98 -11.92 28.71
C THR A 184 31.83 -12.28 27.78
N TYR A 185 31.86 -13.50 27.24
CA TYR A 185 30.84 -13.97 26.34
C TYR A 185 29.82 -14.85 27.07
N THR A 186 28.58 -14.81 26.60
CA THR A 186 27.47 -15.49 27.25
C THR A 186 26.55 -16.07 26.19
N ALA A 187 25.86 -17.14 26.54
CA ALA A 187 25.08 -17.89 25.56
C ALA A 187 23.86 -17.10 25.09
N VAL A 188 23.48 -17.34 23.84
CA VAL A 188 22.33 -16.69 23.21
C VAL A 188 21.34 -17.77 22.80
N SER A 189 20.05 -17.53 23.04
CA SER A 189 18.99 -18.32 22.45
C SER A 189 18.39 -17.53 21.30
N THR A 190 18.30 -18.16 20.13
CA THR A 190 17.67 -17.54 18.98
C THR A 190 16.22 -17.98 18.80
N LYS A 191 15.65 -18.67 19.80
CA LYS A 191 14.34 -19.30 19.60
C LYS A 191 13.23 -18.29 19.37
N GLN A 192 13.37 -17.07 19.89
CA GLN A 192 12.40 -16.00 19.66
CA GLN A 192 12.40 -16.00 19.66
C GLN A 192 12.87 -15.01 18.60
N GLY A 193 14.00 -15.26 17.96
CA GLY A 193 14.53 -14.37 16.94
C GLY A 193 15.37 -13.23 17.45
N PHE A 194 15.58 -13.12 18.76
CA PHE A 194 16.30 -12.01 19.38
C PHE A 194 17.69 -12.47 19.83
N TRP A 195 18.53 -11.48 20.16
CA TRP A 195 19.78 -11.73 20.87
C TRP A 195 19.43 -11.88 22.35
N GLU A 196 18.88 -13.05 22.69
CA GLU A 196 18.33 -13.32 24.01
C GLU A 196 19.36 -14.05 24.85
N TRP A 197 19.55 -13.61 26.09
CA TRP A 197 20.59 -14.11 26.97
C TRP A 197 20.09 -14.05 28.39
N THR A 198 20.88 -14.57 29.33
CA THR A 198 20.49 -14.63 30.75
C THR A 198 21.55 -13.92 31.59
N SER A 199 21.20 -12.76 32.13
CA SER A 199 22.05 -12.10 33.10
C SER A 199 22.08 -12.88 34.40
N THR A 200 23.22 -12.82 35.09
CA THR A 200 23.42 -13.58 36.32
C THR A 200 22.97 -12.84 37.58
N GLY A 201 22.54 -11.59 37.48
CA GLY A 201 22.00 -10.90 38.65
C GLY A 201 22.27 -9.40 38.59
N TYR A 202 22.10 -8.74 39.74
CA TYR A 202 22.18 -7.28 39.76
C TYR A 202 22.58 -6.78 41.14
N ALA A 203 23.03 -5.53 41.17
CA ALA A 203 23.23 -4.78 42.40
C ALA A 203 22.71 -3.37 42.19
N VAL A 204 22.33 -2.72 43.28
CA VAL A 204 21.86 -1.33 43.29
C VAL A 204 22.89 -0.49 44.04
N GLY A 205 23.44 0.51 43.36
CA GLY A 205 24.44 1.34 44.02
C GLY A 205 25.59 0.49 44.53
N SER A 206 26.03 0.78 45.74
CA SER A 206 27.13 0.05 46.37
C SER A 206 26.67 -1.20 47.12
N GLY A 207 25.42 -1.61 46.93
CA GLY A 207 24.91 -2.78 47.62
C GLY A 207 25.50 -4.06 47.08
N THR A 208 25.24 -5.15 47.80
CA THR A 208 25.78 -6.44 47.41
C THR A 208 25.03 -6.99 46.21
N PHE A 209 25.69 -7.88 45.50
CA PHE A 209 25.14 -8.43 44.27
C PHE A 209 24.18 -9.57 44.57
N LYS A 210 22.99 -9.51 43.97
CA LYS A 210 21.99 -10.56 44.10
CA LYS A 210 21.98 -10.55 44.09
C LYS A 210 22.11 -11.48 42.90
N SER A 211 22.45 -12.75 43.16
CA SER A 211 22.55 -13.75 42.10
C SER A 211 21.16 -14.27 41.76
N THR A 212 20.73 -14.01 40.53
CA THR A 212 19.41 -14.43 40.07
C THR A 212 19.41 -14.34 38.55
N SER A 213 18.79 -15.33 37.91
CA SER A 213 18.77 -15.38 36.45
C SER A 213 17.74 -14.42 35.90
N ILE A 214 18.17 -13.54 34.99
CA ILE A 214 17.28 -12.58 34.33
C ILE A 214 17.42 -12.78 32.83
N ASP A 215 16.44 -13.43 32.22
CA ASP A 215 16.41 -13.64 30.78
C ASP A 215 15.90 -12.38 30.08
N GLY A 216 16.63 -11.91 29.08
CA GLY A 216 16.20 -10.72 28.36
C GLY A 216 16.94 -10.60 27.05
N ILE A 217 16.64 -9.52 26.31
CA ILE A 217 17.20 -9.33 24.98
C ILE A 217 18.11 -8.11 24.96
N ALA A 218 19.22 -8.21 24.23
CA ALA A 218 20.12 -7.08 24.01
C ALA A 218 19.58 -6.30 22.82
N ASP A 219 19.06 -5.10 23.09
CA ASP A 219 18.25 -4.38 22.09
C ASP A 219 18.69 -2.93 21.96
N THR A 220 19.50 -2.64 20.93
CA THR A 220 19.91 -1.26 20.67
C THR A 220 18.75 -0.35 20.29
N GLY A 221 17.64 -0.90 19.83
CA GLY A 221 16.50 -0.09 19.44
C GLY A 221 15.56 0.29 20.56
N THR A 222 15.75 -0.25 21.76
CA THR A 222 14.94 0.12 22.91
C THR A 222 15.74 1.11 23.74
N THR A 223 15.10 2.20 24.16
CA THR A 223 15.81 3.29 24.83
C THR A 223 16.19 2.93 26.26
N LEU A 224 15.29 2.27 27.00
CA LEU A 224 15.40 2.11 28.43
C LEU A 224 15.76 0.68 28.80
N LEU A 225 15.94 0.45 30.11
CA LEU A 225 16.20 -0.87 30.66
C LEU A 225 14.92 -1.36 31.33
N TYR A 226 14.34 -2.43 30.80
CA TYR A 226 13.08 -2.98 31.29
C TYR A 226 13.35 -4.32 31.98
N LEU A 227 13.05 -4.40 33.26
CA LEU A 227 13.38 -5.54 34.10
C LEU A 227 12.19 -5.93 34.96
N PRO A 228 12.25 -7.09 35.62
CA PRO A 228 11.11 -7.52 36.44
C PRO A 228 10.79 -6.51 37.53
N ALA A 229 9.51 -6.46 37.90
CA ALA A 229 9.03 -5.47 38.85
C ALA A 229 9.75 -5.53 40.19
N THR A 230 10.15 -6.73 40.64
CA THR A 230 10.88 -6.84 41.90
C THR A 230 12.20 -6.08 41.83
N VAL A 231 12.93 -6.26 40.73
CA VAL A 231 14.23 -5.62 40.54
C VAL A 231 14.07 -4.11 40.48
N VAL A 232 13.09 -3.66 39.71
CA VAL A 232 12.87 -2.24 39.49
C VAL A 232 12.44 -1.56 40.79
N SER A 233 11.57 -2.20 41.56
CA SER A 233 11.16 -1.66 42.84
C SER A 233 12.35 -1.50 43.78
N ALA A 234 13.24 -2.51 43.81
CA ALA A 234 14.42 -2.43 44.65
C ALA A 234 15.33 -1.27 44.25
N TYR A 235 15.44 -0.99 42.94
CA TYR A 235 16.25 0.14 42.51
C TYR A 235 15.65 1.46 42.99
N TRP A 236 14.37 1.70 42.67
CA TRP A 236 13.79 3.01 42.94
C TRP A 236 13.56 3.25 44.43
N ALA A 237 13.52 2.19 45.23
CA ALA A 237 13.44 2.36 46.68
C ALA A 237 14.67 3.06 47.24
N GLN A 238 15.77 3.08 46.50
CA GLN A 238 16.99 3.76 46.91
C GLN A 238 17.09 5.18 46.38
N VAL A 239 16.02 5.71 45.79
CA VAL A 239 15.98 7.07 45.27
C VAL A 239 14.93 7.83 46.06
N SER A 240 15.37 8.77 46.87
CA SER A 240 14.45 9.49 47.74
C SER A 240 13.46 10.29 46.91
N GLY A 241 12.17 10.10 47.18
CA GLY A 241 11.12 10.79 46.46
C GLY A 241 10.62 10.09 45.22
N ALA A 242 11.24 8.99 44.80
CA ALA A 242 10.79 8.31 43.58
C ALA A 242 9.48 7.57 43.85
N LYS A 243 8.66 7.46 42.81
CA LYS A 243 7.39 6.77 42.90
C LYS A 243 7.01 6.24 41.52
N SER A 244 6.22 5.18 41.50
CA SER A 244 5.62 4.73 40.25
C SER A 244 4.33 5.51 40.01
N SER A 245 4.24 6.16 38.86
CA SER A 245 3.09 6.98 38.52
C SER A 245 2.29 6.29 37.43
N SER A 246 1.05 5.91 37.75
CA SER A 246 0.22 5.25 36.74
C SER A 246 -0.16 6.21 35.62
N SER A 247 -0.28 7.50 35.93
CA SER A 247 -0.60 8.48 34.90
C SER A 247 0.56 8.68 33.93
N VAL A 248 1.78 8.78 34.46
CA VAL A 248 2.94 8.96 33.59
C VAL A 248 3.31 7.66 32.89
N GLY A 249 3.03 6.52 33.51
CA GLY A 249 3.39 5.25 32.93
C GLY A 249 4.70 4.66 33.39
N GLY A 250 5.13 4.98 34.60
CA GLY A 250 6.33 4.37 35.15
C GLY A 250 6.87 5.17 36.32
N TYR A 251 8.07 4.78 36.73
CA TYR A 251 8.73 5.43 37.85
C TYR A 251 9.26 6.80 37.44
N VAL A 252 9.02 7.78 38.32
CA VAL A 252 9.47 9.16 38.19
C VAL A 252 10.18 9.53 39.49
N PHE A 253 10.97 10.60 39.44
CA PHE A 253 11.78 10.97 40.58
C PHE A 253 12.07 12.46 40.54
N PRO A 254 12.39 13.08 41.67
CA PRO A 254 12.72 14.52 41.66
C PRO A 254 13.95 14.77 40.80
N CYS A 255 13.84 15.74 39.87
CA CYS A 255 14.88 15.89 38.85
C CYS A 255 16.27 16.09 39.43
N SER A 256 16.37 16.69 40.63
CA SER A 256 17.67 16.94 41.24
C SER A 256 18.21 15.75 42.04
N ALA A 257 17.48 14.64 42.10
CA ALA A 257 17.87 13.54 42.98
C ALA A 257 19.18 12.91 42.53
N THR A 258 19.90 12.36 43.50
CA THR A 258 21.14 11.62 43.25
C THR A 258 20.77 10.19 42.91
N LEU A 259 21.01 9.78 41.64
CA LEU A 259 20.63 8.42 41.25
C LEU A 259 21.78 7.47 41.54
N PRO A 260 21.51 6.34 42.18
CA PRO A 260 22.55 5.31 42.33
C PRO A 260 22.81 4.60 41.01
N SER A 261 23.99 3.99 40.92
CA SER A 261 24.29 3.13 39.79
C SER A 261 23.44 1.86 39.84
N PHE A 262 23.45 1.13 38.74
CA PHE A 262 22.82 -0.19 38.65
C PHE A 262 23.80 -1.12 37.97
N THR A 263 24.09 -2.27 38.60
CA THR A 263 25.04 -3.23 38.08
C THR A 263 24.29 -4.48 37.62
N PHE A 264 24.64 -4.99 36.43
CA PHE A 264 24.12 -6.28 35.98
C PHE A 264 25.25 -7.26 35.70
N GLY A 265 24.95 -8.55 35.89
CA GLY A 265 25.94 -9.58 35.72
C GLY A 265 25.95 -10.19 34.33
N VAL A 266 27.15 -10.46 33.83
CA VAL A 266 27.38 -11.21 32.60
C VAL A 266 28.35 -12.32 33.01
N GLY A 267 27.83 -13.53 33.20
CA GLY A 267 28.62 -14.55 33.86
C GLY A 267 29.13 -14.02 35.18
N SER A 268 30.43 -14.22 35.43
N SER A 268 30.43 -14.22 35.43
CA SER A 268 31.05 -13.70 36.63
CA SER A 268 31.06 -13.70 36.63
C SER A 268 31.43 -12.23 36.53
C SER A 268 31.43 -12.23 36.53
N ALA A 269 31.32 -11.64 35.34
CA ALA A 269 31.66 -10.23 35.15
C ALA A 269 30.50 -9.32 35.51
N ARG A 270 30.79 -8.02 35.63
CA ARG A 270 29.82 -7.05 36.10
C ARG A 270 29.91 -5.81 35.22
N ILE A 271 28.77 -5.31 34.77
CA ILE A 271 28.66 -4.06 34.03
C ILE A 271 27.96 -3.04 34.93
N VAL A 272 28.59 -1.90 35.14
CA VAL A 272 28.08 -0.87 36.04
C VAL A 272 27.49 0.27 35.22
N ILE A 273 26.19 0.50 35.37
CA ILE A 273 25.50 1.61 34.71
C ILE A 273 25.56 2.80 35.67
N PRO A 274 26.27 3.87 35.32
CA PRO A 274 26.27 5.05 36.22
C PRO A 274 24.88 5.62 36.41
N GLY A 275 24.65 6.18 37.60
CA GLY A 275 23.33 6.72 37.92
C GLY A 275 22.81 7.71 36.90
N ASP A 276 23.67 8.58 36.38
N ASP A 276 23.70 8.58 36.39
CA ASP A 276 23.14 9.60 35.48
CA ASP A 276 23.29 9.61 35.43
C ASP A 276 22.68 9.05 34.13
C ASP A 276 22.62 9.01 34.20
N TYR A 277 23.04 7.81 33.79
CA TYR A 277 22.48 7.19 32.59
C TYR A 277 21.00 6.88 32.74
N ILE A 278 20.49 6.93 33.98
CA ILE A 278 19.13 6.52 34.29
C ILE A 278 18.17 7.71 34.31
N ASP A 279 18.66 8.91 33.99
CA ASP A 279 17.87 10.13 34.04
C ASP A 279 17.40 10.49 32.62
N PHE A 280 16.08 10.47 32.42
CA PHE A 280 15.50 10.84 31.13
C PHE A 280 14.73 12.15 31.14
N GLY A 281 15.03 13.02 32.10
CA GLY A 281 14.60 14.40 32.06
C GLY A 281 13.15 14.60 32.45
N PRO A 282 12.71 15.87 32.46
CA PRO A 282 11.37 16.19 33.00
C PRO A 282 10.26 15.44 32.27
N ILE A 283 9.25 15.03 33.04
CA ILE A 283 8.15 14.26 32.47
C ILE A 283 7.33 15.09 31.49
N SER A 284 7.28 16.40 31.70
CA SER A 284 6.67 17.34 30.78
C SER A 284 7.48 18.62 30.91
N THR A 285 7.42 19.47 29.88
CA THR A 285 8.25 20.66 29.87
C THR A 285 8.01 21.51 31.12
N GLY A 286 9.09 21.83 31.83
CA GLY A 286 9.01 22.65 33.02
C GLY A 286 8.73 21.91 34.31
N SER A 287 8.48 20.60 34.27
CA SER A 287 8.18 19.86 35.49
C SER A 287 9.45 19.65 36.33
N SER A 288 9.26 19.54 37.64
CA SER A 288 10.33 19.16 38.55
C SER A 288 10.47 17.66 38.72
N SER A 289 9.59 16.89 38.09
CA SER A 289 9.62 15.44 38.14
CA SER A 289 9.61 15.43 38.14
C SER A 289 10.21 14.91 36.85
N CYS A 290 11.08 13.90 36.97
CA CYS A 290 11.85 13.35 35.85
C CYS A 290 11.51 11.87 35.62
N PHE A 291 11.66 11.43 34.37
CA PHE A 291 11.34 10.06 34.01
C PHE A 291 12.54 9.13 34.20
N GLY A 292 12.30 7.99 34.85
CA GLY A 292 13.37 7.04 35.09
C GLY A 292 13.72 6.17 33.89
N GLY A 293 14.98 5.78 33.82
CA GLY A 293 15.49 4.95 32.75
C GLY A 293 15.49 3.46 33.01
N ILE A 294 15.08 3.04 34.20
CA ILE A 294 14.86 1.64 34.56
C ILE A 294 13.37 1.51 34.86
N GLN A 295 12.68 0.64 34.13
CA GLN A 295 11.24 0.51 34.25
C GLN A 295 10.85 -0.97 34.26
N SER A 296 9.66 -1.24 34.77
CA SER A 296 9.18 -2.61 34.84
C SER A 296 8.87 -3.15 33.44
N SER A 297 9.24 -4.40 33.22
CA SER A 297 8.90 -5.12 32.00
C SER A 297 7.54 -5.80 32.06
N ALA A 298 6.81 -5.66 33.17
N ALA A 298 6.81 -5.66 33.17
CA ALA A 298 5.50 -6.30 33.28
CA ALA A 298 5.64 -6.50 33.41
C ALA A 298 4.57 -5.76 32.19
C ALA A 298 4.67 -6.52 32.23
N GLY A 299 3.92 -6.69 31.48
N GLY A 299 4.43 -5.36 31.61
CA GLY A 299 3.10 -6.34 30.36
CA GLY A 299 3.47 -5.29 30.52
C GLY A 299 3.82 -6.37 29.03
C GLY A 299 4.07 -5.49 29.14
N ILE A 300 5.15 -6.27 29.03
CA ILE A 300 5.89 -6.44 27.79
C ILE A 300 5.97 -7.91 27.40
N GLY A 301 6.12 -8.79 28.37
CA GLY A 301 6.32 -10.20 28.10
C GLY A 301 7.77 -10.61 28.02
N ILE A 302 8.70 -9.65 28.10
CA ILE A 302 10.12 -9.93 27.96
C ILE A 302 10.90 -8.79 28.62
N ASN A 303 12.03 -9.15 29.23
CA ASN A 303 12.94 -8.15 29.74
C ASN A 303 13.82 -7.64 28.61
N ILE A 304 14.14 -6.34 28.64
CA ILE A 304 14.87 -5.70 27.55
C ILE A 304 16.07 -4.94 28.09
N PHE A 305 17.26 -5.40 27.74
CA PHE A 305 18.50 -4.66 28.00
C PHE A 305 18.67 -3.67 26.85
N GLY A 306 18.02 -2.52 27.00
CA GLY A 306 18.05 -1.45 26.02
C GLY A 306 19.25 -0.54 26.21
N ASP A 307 19.17 0.65 25.60
CA ASP A 307 20.34 1.52 25.50
C ASP A 307 20.89 1.89 26.87
N VAL A 308 20.01 2.09 27.87
CA VAL A 308 20.49 2.43 29.21
C VAL A 308 21.53 1.44 29.69
N ALA A 309 21.29 0.14 29.45
CA ALA A 309 22.27 -0.89 29.80
C ALA A 309 23.41 -0.98 28.78
N LEU A 310 23.07 -1.02 27.49
CA LEU A 310 24.10 -1.29 26.49
C LEU A 310 25.12 -0.16 26.40
N LYS A 311 24.71 1.09 26.62
CA LYS A 311 25.66 2.19 26.51
C LYS A 311 26.71 2.19 27.62
N ALA A 312 26.52 1.42 28.68
CA ALA A 312 27.54 1.22 29.70
C ALA A 312 28.57 0.17 29.31
N ALA A 313 28.47 -0.44 28.13
CA ALA A 313 29.32 -1.56 27.77
C ALA A 313 29.76 -1.44 26.33
N PHE A 314 30.81 -2.19 26.02
CA PHE A 314 31.17 -2.53 24.65
C PHE A 314 30.56 -3.91 24.38
N VAL A 315 29.69 -4.00 23.39
CA VAL A 315 28.85 -5.19 23.19
C VAL A 315 29.19 -5.84 21.86
N VAL A 316 29.48 -7.14 21.90
CA VAL A 316 29.80 -7.91 20.71
C VAL A 316 28.60 -8.80 20.38
N PHE A 317 28.08 -8.62 19.17
CA PHE A 317 27.03 -9.48 18.64
C PHE A 317 27.74 -10.47 17.72
N ASN A 318 27.97 -11.68 18.25
CA ASN A 318 28.79 -12.68 17.57
C ASN A 318 27.89 -13.61 16.76
N GLY A 319 27.96 -13.47 15.43
CA GLY A 319 27.13 -14.25 14.54
C GLY A 319 27.77 -15.52 14.02
N ALA A 320 28.64 -16.13 14.82
CA ALA A 320 29.18 -17.44 14.51
C ALA A 320 28.04 -18.47 14.40
N THR A 321 28.41 -19.68 13.93
CA THR A 321 27.43 -20.74 13.75
C THR A 321 26.52 -20.90 14.95
N THR A 322 27.10 -20.87 16.15
CA THR A 322 26.32 -20.75 17.38
C THR A 322 26.52 -19.33 17.88
N PRO A 323 25.53 -18.44 17.73
CA PRO A 323 25.75 -17.04 18.12
C PRO A 323 25.96 -16.91 19.62
N THR A 324 26.73 -15.89 20.01
CA THR A 324 26.92 -15.53 21.41
C THR A 324 26.94 -14.01 21.53
N LEU A 325 26.91 -13.52 22.77
CA LEU A 325 26.98 -12.10 23.06
CA LEU A 325 26.97 -12.10 23.08
C LEU A 325 28.18 -11.86 23.97
N GLY A 326 28.95 -10.81 23.67
CA GLY A 326 30.07 -10.41 24.52
C GLY A 326 29.84 -9.05 25.13
N PHE A 327 30.25 -8.87 26.39
CA PHE A 327 30.15 -7.59 27.08
C PHE A 327 31.49 -7.27 27.72
N ALA A 328 31.96 -6.03 27.55
CA ALA A 328 33.11 -5.52 28.29
C ALA A 328 32.77 -4.16 28.88
N SER A 329 33.38 -3.85 30.02
CA SER A 329 33.34 -2.48 30.52
C SER A 329 34.15 -1.58 29.60
N LYS A 330 33.95 -0.27 29.74
CA LYS A 330 34.67 0.66 28.88
C LYS A 330 34.86 2.02 29.54
N SER B 1 -0.58 -6.48 -34.10
CA SER B 1 -0.91 -5.06 -34.11
CA SER B 1 -0.87 -5.05 -34.09
C SER B 1 -1.32 -4.60 -32.71
N THR B 2 -1.42 -3.28 -32.52
CA THR B 2 -1.92 -2.69 -31.29
C THR B 2 -2.70 -1.44 -31.65
N GLY B 3 -3.47 -0.94 -30.66
CA GLY B 3 -4.06 0.38 -30.75
C GLY B 3 -4.03 1.01 -29.36
N SER B 4 -4.14 2.35 -29.35
CA SER B 4 -4.12 3.10 -28.09
C SER B 4 -4.91 4.38 -28.30
N ALA B 5 -5.96 4.58 -27.52
CA ALA B 5 -6.80 5.77 -27.65
C ALA B 5 -7.08 6.39 -26.28
N THR B 6 -7.12 7.71 -26.25
CA THR B 6 -7.47 8.42 -25.04
C THR B 6 -8.99 8.50 -24.89
N THR B 7 -9.46 8.29 -23.67
CA THR B 7 -10.87 8.41 -23.34
C THR B 7 -11.06 9.59 -22.39
N THR B 8 -12.11 10.37 -22.59
CA THR B 8 -12.25 11.68 -21.94
C THR B 8 -13.61 11.78 -21.25
N PRO B 9 -13.66 12.25 -20.01
N PRO B 9 -13.66 12.22 -19.99
CA PRO B 9 -14.97 12.38 -19.33
CA PRO B 9 -14.97 12.40 -19.34
C PRO B 9 -15.84 13.40 -20.05
C PRO B 9 -15.84 13.38 -20.10
N ILE B 10 -17.14 13.11 -20.12
CA ILE B 10 -18.08 14.02 -20.80
C ILE B 10 -18.41 15.24 -19.97
N ASP B 11 -18.12 15.23 -18.67
CA ASP B 11 -18.45 16.34 -17.79
C ASP B 11 -17.55 16.28 -16.58
N SER B 12 -17.75 17.22 -15.65
CA SER B 12 -16.86 17.39 -14.52
C SER B 12 -17.01 16.30 -13.47
N LEU B 13 -18.02 15.44 -13.59
CA LEU B 13 -18.28 14.39 -12.62
C LEU B 13 -17.92 13.00 -13.12
N ASP B 14 -17.39 12.86 -14.34
CA ASP B 14 -17.11 11.55 -14.91
C ASP B 14 -18.41 10.75 -15.12
N ASP B 15 -19.47 11.42 -15.57
CA ASP B 15 -20.73 10.70 -15.76
C ASP B 15 -20.62 9.64 -16.85
N ALA B 16 -19.71 9.83 -17.80
CA ALA B 16 -19.39 8.85 -18.82
C ALA B 16 -18.08 9.30 -19.46
N TYR B 17 -17.48 8.41 -20.24
CA TYR B 17 -16.25 8.72 -20.97
C TYR B 17 -16.46 8.47 -22.46
N ILE B 18 -15.88 9.33 -23.29
CA ILE B 18 -16.01 9.20 -24.74
C ILE B 18 -14.64 9.02 -25.39
N THR B 19 -14.60 8.19 -26.44
CA THR B 19 -13.36 7.84 -27.12
C THR B 19 -13.58 8.04 -28.61
N PRO B 20 -12.69 8.74 -29.31
CA PRO B 20 -12.90 8.96 -30.75
C PRO B 20 -12.66 7.68 -31.53
N VAL B 21 -13.53 7.46 -32.53
CA VAL B 21 -13.51 6.25 -33.36
C VAL B 21 -13.67 6.69 -34.81
N GLN B 22 -12.78 6.19 -35.67
CA GLN B 22 -12.86 6.48 -37.10
C GLN B 22 -13.68 5.40 -37.81
N ILE B 23 -14.69 5.82 -38.55
CA ILE B 23 -15.59 4.90 -39.26
C ILE B 23 -15.64 5.29 -40.73
N GLY B 24 -15.39 4.32 -41.61
CA GLY B 24 -15.62 4.52 -43.03
C GLY B 24 -14.45 5.11 -43.79
N THR B 25 -14.70 5.37 -45.07
CA THR B 25 -13.69 5.87 -46.00
C THR B 25 -14.31 6.94 -46.89
N PRO B 26 -13.85 8.19 -46.84
CA PRO B 26 -12.85 8.70 -45.87
C PRO B 26 -13.38 8.61 -44.44
N ALA B 27 -12.49 8.75 -43.47
CA ALA B 27 -12.88 8.54 -42.08
C ALA B 27 -13.92 9.56 -41.64
N GLN B 28 -14.92 9.08 -40.91
CA GLN B 28 -15.84 9.92 -40.14
C GLN B 28 -15.60 9.62 -38.67
N THR B 29 -15.21 10.63 -37.90
CA THR B 29 -14.82 10.42 -36.50
C THR B 29 -16.02 10.72 -35.61
N LEU B 30 -16.44 9.71 -34.84
CA LEU B 30 -17.51 9.84 -33.86
C LEU B 30 -16.95 9.54 -32.48
N ASN B 31 -17.54 10.13 -31.46
CA ASN B 31 -17.11 9.95 -30.08
C ASN B 31 -18.05 8.95 -29.42
N LEU B 32 -17.54 7.76 -29.15
CA LEU B 32 -18.36 6.65 -28.68
C LEU B 32 -18.08 6.32 -27.21
N ASP B 33 -19.11 5.79 -26.55
CA ASP B 33 -19.00 5.33 -25.17
C ASP B 33 -18.60 3.86 -25.20
N PHE B 34 -17.33 3.59 -24.81
CA PHE B 34 -16.84 2.21 -24.77
C PHE B 34 -17.44 1.49 -23.56
N ASP B 35 -18.15 0.39 -23.81
CA ASP B 35 -19.05 -0.21 -22.82
C ASP B 35 -18.73 -1.70 -22.69
N THR B 36 -17.95 -2.09 -21.67
CA THR B 36 -17.64 -3.51 -21.50
C THR B 36 -18.83 -4.33 -20.97
N GLY B 37 -19.99 -3.70 -20.77
CA GLY B 37 -21.20 -4.40 -20.38
C GLY B 37 -22.26 -4.56 -21.46
N SER B 38 -21.95 -4.25 -22.72
CA SER B 38 -22.84 -4.56 -23.82
C SER B 38 -21.98 -4.85 -25.04
N SER B 39 -22.64 -5.26 -26.15
CA SER B 39 -21.90 -5.87 -27.25
C SER B 39 -22.34 -5.38 -28.62
N ASP B 40 -22.96 -4.21 -28.71
CA ASP B 40 -23.33 -3.60 -29.98
C ASP B 40 -22.51 -2.34 -30.20
N LEU B 41 -22.01 -2.16 -31.42
CA LEU B 41 -21.42 -0.89 -31.85
C LEU B 41 -22.50 -0.21 -32.68
N TRP B 42 -23.13 0.83 -32.12
CA TRP B 42 -24.19 1.55 -32.81
C TRP B 42 -23.91 3.04 -32.77
N VAL B 43 -24.40 3.73 -33.80
CA VAL B 43 -24.09 5.15 -33.97
C VAL B 43 -25.34 5.94 -34.37
N PHE B 44 -25.40 7.19 -33.92
CA PHE B 44 -26.25 8.18 -34.56
C PHE B 44 -25.87 8.27 -36.04
N SER B 45 -26.87 8.46 -36.90
N SER B 45 -26.86 8.45 -36.90
CA SER B 45 -26.63 8.28 -38.32
CA SER B 45 -26.58 8.36 -38.33
C SER B 45 -27.54 9.20 -39.13
C SER B 45 -27.48 9.28 -39.12
N SER B 46 -27.20 9.34 -40.42
CA SER B 46 -28.08 10.04 -41.35
C SER B 46 -29.45 9.39 -41.42
N GLU B 47 -29.58 8.16 -40.93
CA GLU B 47 -30.84 7.43 -40.92
C GLU B 47 -31.66 7.66 -39.65
N THR B 48 -31.09 8.31 -38.64
CA THR B 48 -31.81 8.55 -37.40
C THR B 48 -32.89 9.61 -37.59
N THR B 49 -34.07 9.34 -37.06
CA THR B 49 -35.17 10.31 -37.12
C THR B 49 -34.66 11.69 -36.69
N ALA B 50 -34.90 12.69 -37.55
CA ALA B 50 -34.26 13.99 -37.37
C ALA B 50 -34.57 14.59 -36.01
N SER B 51 -35.82 14.51 -35.56
CA SER B 51 -36.19 15.08 -34.27
C SER B 51 -35.48 14.43 -33.09
N GLU B 52 -34.84 13.28 -33.30
CA GLU B 52 -34.15 12.58 -32.23
C GLU B 52 -32.65 12.86 -32.21
N VAL B 53 -32.17 13.71 -33.11
CA VAL B 53 -30.77 14.15 -33.15
C VAL B 53 -30.71 15.57 -32.64
N ASP B 54 -29.87 15.81 -31.63
CA ASP B 54 -29.72 17.15 -31.03
C ASP B 54 -28.25 17.34 -30.65
N GLY B 55 -27.42 17.64 -31.64
CA GLY B 55 -26.03 17.98 -31.41
C GLY B 55 -25.03 16.87 -31.63
N GLN B 56 -25.48 15.62 -31.76
CA GLN B 56 -24.54 14.51 -31.98
C GLN B 56 -23.94 14.58 -33.38
N THR B 57 -22.73 14.04 -33.50
CA THR B 57 -22.14 13.81 -34.81
C THR B 57 -22.72 12.52 -35.38
N ILE B 58 -23.09 12.54 -36.65
CA ILE B 58 -23.74 11.40 -37.30
C ILE B 58 -22.79 10.72 -38.27
N TYR B 59 -22.98 9.41 -38.41
CA TYR B 59 -22.36 8.62 -39.46
C TYR B 59 -23.28 8.62 -40.68
N THR B 60 -22.72 8.92 -41.84
CA THR B 60 -23.48 8.92 -43.09
C THR B 60 -22.93 7.81 -43.96
N PRO B 61 -23.54 6.62 -43.95
CA PRO B 61 -22.96 5.50 -44.71
C PRO B 61 -22.86 5.74 -46.21
N SER B 62 -23.79 6.51 -46.79
CA SER B 62 -23.72 6.76 -48.23
C SER B 62 -22.45 7.50 -48.64
N LYS B 63 -21.79 8.18 -47.72
CA LYS B 63 -20.55 8.90 -48.00
C LYS B 63 -19.30 8.05 -47.77
N SER B 64 -19.47 6.80 -47.34
CA SER B 64 -18.34 5.92 -47.08
C SER B 64 -18.26 4.89 -48.20
N THR B 65 -17.15 4.91 -48.94
CA THR B 65 -17.00 4.01 -50.08
C THR B 65 -16.80 2.56 -49.65
N THR B 66 -16.53 2.30 -48.38
CA THR B 66 -16.34 0.95 -47.87
C THR B 66 -17.57 0.41 -47.13
N ALA B 67 -18.62 1.21 -46.97
CA ALA B 67 -19.82 0.75 -46.28
C ALA B 67 -20.64 -0.18 -47.17
N LYS B 68 -21.19 -1.23 -46.57
CA LYS B 68 -22.05 -2.16 -47.29
C LYS B 68 -23.18 -2.57 -46.35
N LEU B 69 -24.41 -2.51 -46.85
CA LEU B 69 -25.55 -2.95 -46.06
C LEU B 69 -25.41 -4.45 -45.76
N LEU B 70 -25.67 -4.82 -44.50
CA LEU B 70 -25.79 -6.22 -44.12
C LEU B 70 -27.20 -6.68 -44.43
N SER B 71 -27.32 -7.71 -45.28
CA SER B 71 -28.58 -8.03 -45.95
C SER B 71 -29.67 -8.40 -44.96
N GLY B 72 -30.76 -7.64 -44.97
CA GLY B 72 -31.92 -7.95 -44.16
C GLY B 72 -31.69 -7.85 -42.66
N ALA B 73 -30.55 -7.29 -42.26
CA ALA B 73 -30.19 -7.26 -40.84
C ALA B 73 -30.86 -6.09 -40.13
N THR B 74 -31.32 -6.35 -38.91
CA THR B 74 -31.82 -5.33 -38.02
C THR B 74 -31.18 -5.52 -36.65
N TRP B 75 -31.29 -4.50 -35.82
CA TRP B 75 -30.83 -4.60 -34.44
C TRP B 75 -31.77 -3.79 -33.57
N SER B 76 -31.81 -4.14 -32.28
CA SER B 76 -32.67 -3.44 -31.33
C SER B 76 -32.19 -3.81 -29.94
N ILE B 77 -31.91 -2.80 -29.14
CA ILE B 77 -31.29 -2.99 -27.84
C ILE B 77 -32.03 -2.18 -26.78
N SER B 78 -32.12 -2.75 -25.59
CA SER B 78 -32.69 -2.10 -24.43
CA SER B 78 -32.70 -2.10 -24.42
C SER B 78 -31.70 -2.21 -23.29
N TYR B 79 -31.35 -1.08 -22.69
CA TYR B 79 -30.29 -1.03 -21.69
C TYR B 79 -30.86 -0.99 -20.28
N GLY B 80 -29.97 -1.17 -19.30
CA GLY B 80 -30.37 -1.25 -17.90
C GLY B 80 -31.00 0.01 -17.36
N ASP B 81 -30.70 1.16 -17.95
CA ASP B 81 -31.30 2.42 -17.51
C ASP B 81 -32.64 2.71 -18.16
N GLY B 82 -33.17 1.77 -18.96
CA GLY B 82 -34.43 1.97 -19.66
C GLY B 82 -34.30 2.62 -21.02
N SER B 83 -33.10 3.03 -21.42
CA SER B 83 -32.88 3.60 -22.74
C SER B 83 -32.85 2.50 -23.80
N SER B 84 -32.96 2.91 -25.06
CA SER B 84 -33.05 1.96 -26.16
C SER B 84 -32.71 2.63 -27.47
N SER B 85 -32.41 1.79 -28.47
CA SER B 85 -32.16 2.24 -29.83
C SER B 85 -32.28 1.03 -30.76
N SER B 86 -32.46 1.31 -32.06
CA SER B 86 -32.67 0.24 -33.04
C SER B 86 -32.43 0.78 -34.45
N GLY B 87 -32.23 -0.14 -35.39
CA GLY B 87 -32.04 0.28 -36.77
C GLY B 87 -31.58 -0.87 -37.67
N ASP B 88 -30.81 -0.50 -38.70
CA ASP B 88 -30.23 -1.46 -39.65
C ASP B 88 -28.71 -1.47 -39.49
N VAL B 89 -28.03 -2.23 -40.34
CA VAL B 89 -26.63 -2.56 -40.08
C VAL B 89 -25.82 -2.46 -41.36
N TYR B 90 -24.65 -1.82 -41.29
CA TYR B 90 -23.65 -1.81 -42.32
C TYR B 90 -22.40 -2.54 -41.83
N THR B 91 -21.62 -3.06 -42.75
CA THR B 91 -20.23 -3.36 -42.45
C THR B 91 -19.37 -2.23 -42.98
N ASP B 92 -18.33 -1.87 -42.23
CA ASP B 92 -17.44 -0.80 -42.64
C ASP B 92 -16.12 -0.94 -41.90
N THR B 93 -15.14 -0.14 -42.33
CA THR B 93 -13.85 -0.10 -41.67
C THR B 93 -13.93 0.78 -40.44
N VAL B 94 -13.43 0.28 -39.32
CA VAL B 94 -13.47 0.99 -38.03
C VAL B 94 -12.07 0.97 -37.44
N SER B 95 -11.57 2.14 -37.04
CA SER B 95 -10.26 2.24 -36.40
C SER B 95 -10.38 2.92 -35.04
N VAL B 96 -9.63 2.39 -34.08
CA VAL B 96 -9.55 2.93 -32.73
C VAL B 96 -8.08 3.08 -32.41
N GLY B 97 -7.62 4.32 -32.27
CA GLY B 97 -6.26 4.56 -31.82
C GLY B 97 -5.21 3.88 -32.67
N GLY B 98 -5.44 3.83 -33.98
CA GLY B 98 -4.47 3.23 -34.89
C GLY B 98 -4.68 1.76 -35.20
N LEU B 99 -5.61 1.09 -34.53
CA LEU B 99 -5.93 -0.31 -34.80
C LEU B 99 -7.16 -0.35 -35.70
N THR B 100 -7.06 -1.06 -36.83
CA THR B 100 -8.10 -1.04 -37.85
C THR B 100 -8.72 -2.42 -38.01
N VAL B 101 -10.05 -2.46 -38.03
CA VAL B 101 -10.82 -3.66 -38.35
C VAL B 101 -11.62 -3.38 -39.61
N THR B 102 -11.45 -4.23 -40.62
CA THR B 102 -12.33 -4.15 -41.79
C THR B 102 -13.52 -5.08 -41.57
N GLY B 103 -14.65 -4.73 -42.18
CA GLY B 103 -15.83 -5.55 -42.04
C GLY B 103 -16.49 -5.52 -40.68
N GLN B 104 -16.28 -4.46 -39.90
CA GLN B 104 -16.94 -4.35 -38.60
C GLN B 104 -18.42 -4.04 -38.80
N ALA B 105 -19.28 -4.71 -38.04
CA ALA B 105 -20.69 -4.37 -38.03
C ALA B 105 -20.88 -3.02 -37.34
N VAL B 106 -21.37 -2.04 -38.08
CA VAL B 106 -21.71 -0.71 -37.58
C VAL B 106 -23.22 -0.60 -37.63
N GLU B 107 -23.84 -0.56 -36.47
CA GLU B 107 -25.30 -0.54 -36.37
C GLU B 107 -25.80 0.89 -36.43
N SER B 108 -26.55 1.20 -37.48
CA SER B 108 -27.02 2.56 -37.75
C SER B 108 -28.40 2.75 -37.10
N ALA B 109 -28.52 3.74 -36.24
CA ALA B 109 -29.78 3.95 -35.53
C ALA B 109 -30.81 4.63 -36.41
N LYS B 110 -31.98 4.01 -36.53
CA LYS B 110 -33.15 4.69 -37.06
C LYS B 110 -33.93 5.40 -35.96
N LYS B 111 -33.87 4.86 -34.74
CA LYS B 111 -34.60 5.38 -33.59
C LYS B 111 -33.69 5.31 -32.38
N VAL B 112 -33.73 6.34 -31.54
CA VAL B 112 -33.08 6.34 -30.23
C VAL B 112 -34.07 6.90 -29.22
N SER B 113 -33.92 6.48 -27.96
CA SER B 113 -34.79 6.98 -26.91
C SER B 113 -34.29 8.34 -26.39
N SER B 114 -35.11 8.96 -25.55
CA SER B 114 -34.92 10.37 -25.23
C SER B 114 -33.58 10.63 -24.53
N SER B 115 -33.12 9.71 -23.68
CA SER B 115 -31.88 9.97 -22.97
C SER B 115 -30.70 10.08 -23.93
N PHE B 116 -30.69 9.29 -25.01
CA PHE B 116 -29.64 9.43 -26.01
C PHE B 116 -29.74 10.78 -26.72
N THR B 117 -30.95 11.17 -27.15
CA THR B 117 -31.13 12.45 -27.81
C THR B 117 -30.64 13.59 -26.93
N GLU B 118 -30.93 13.53 -25.63
CA GLU B 118 -30.64 14.62 -24.70
C GLU B 118 -29.17 14.74 -24.34
N ASP B 119 -28.34 13.77 -24.71
CA ASP B 119 -26.91 13.80 -24.39
C ASP B 119 -26.15 14.06 -25.70
N SER B 120 -25.80 15.32 -25.92
CA SER B 120 -25.15 15.72 -27.17
C SER B 120 -23.71 15.25 -27.27
N THR B 121 -23.11 14.74 -26.18
CA THR B 121 -21.70 14.39 -26.16
CA THR B 121 -21.70 14.40 -26.19
C THR B 121 -21.41 12.96 -26.60
N ILE B 122 -22.43 12.11 -26.66
CA ILE B 122 -22.23 10.69 -26.95
C ILE B 122 -22.86 10.40 -28.31
N ASP B 123 -22.03 10.03 -29.29
CA ASP B 123 -22.47 9.77 -30.65
C ASP B 123 -22.84 8.31 -30.89
N GLY B 124 -22.73 7.47 -29.88
CA GLY B 124 -23.06 6.07 -29.99
C GLY B 124 -22.28 5.27 -28.96
N LEU B 125 -22.39 3.95 -29.10
CA LEU B 125 -21.82 2.99 -28.16
C LEU B 125 -20.87 2.06 -28.89
N LEU B 126 -19.79 1.67 -28.23
CA LEU B 126 -18.91 0.62 -28.76
C LEU B 126 -18.85 -0.47 -27.69
N GLY B 127 -19.60 -1.55 -27.91
CA GLY B 127 -19.69 -2.62 -26.92
C GLY B 127 -18.46 -3.51 -26.90
N LEU B 128 -18.04 -3.89 -25.69
CA LEU B 128 -16.85 -4.70 -25.48
C LEU B 128 -17.11 -5.86 -24.54
N ALA B 129 -18.38 -6.18 -24.26
CA ALA B 129 -18.73 -7.45 -23.63
C ALA B 129 -18.58 -8.57 -24.66
N PHE B 130 -19.08 -9.77 -24.34
CA PHE B 130 -18.91 -10.89 -25.25
C PHE B 130 -19.94 -10.86 -26.37
N SER B 131 -19.53 -11.32 -27.55
CA SER B 131 -20.37 -11.17 -28.74
C SER B 131 -21.69 -11.91 -28.63
N THR B 132 -21.81 -12.86 -27.70
CA THR B 132 -23.08 -13.55 -27.48
C THR B 132 -24.20 -12.62 -27.06
N LEU B 133 -23.90 -11.37 -26.64
CA LEU B 133 -24.95 -10.41 -26.31
C LEU B 133 -25.33 -9.50 -27.47
N ASN B 134 -24.65 -9.59 -28.61
CA ASN B 134 -24.95 -8.69 -29.71
C ASN B 134 -26.37 -8.92 -30.23
N THR B 135 -27.09 -7.84 -30.55
CA THR B 135 -28.51 -7.94 -30.88
C THR B 135 -28.83 -8.06 -32.36
N VAL B 136 -27.83 -8.11 -33.24
CA VAL B 136 -28.14 -8.13 -34.68
C VAL B 136 -28.84 -9.43 -35.05
N SER B 137 -29.87 -9.32 -35.89
CA SER B 137 -30.67 -10.44 -36.39
C SER B 137 -30.80 -10.30 -37.89
N PRO B 138 -30.77 -11.41 -38.66
CA PRO B 138 -30.77 -12.80 -38.23
C PRO B 138 -29.41 -13.36 -37.81
N THR B 139 -28.33 -12.63 -38.06
CA THR B 139 -26.98 -13.14 -37.81
C THR B 139 -26.29 -12.25 -36.79
N GLN B 140 -26.11 -12.77 -35.58
CA GLN B 140 -25.38 -12.07 -34.53
C GLN B 140 -23.98 -11.68 -35.03
N GLN B 141 -23.55 -10.48 -34.68
CA GLN B 141 -22.28 -9.92 -35.15
C GLN B 141 -21.27 -9.80 -34.00
N LYS B 142 -20.00 -9.72 -34.37
CA LYS B 142 -18.89 -9.68 -33.42
C LYS B 142 -18.54 -8.25 -33.00
N THR B 143 -18.07 -8.12 -31.77
CA THR B 143 -17.58 -6.83 -31.28
C THR B 143 -16.27 -6.47 -31.98
N PHE B 144 -15.92 -5.18 -31.87
CA PHE B 144 -14.65 -4.70 -32.39
C PHE B 144 -13.48 -5.50 -31.85
N PHE B 145 -13.48 -5.79 -30.54
CA PHE B 145 -12.40 -6.56 -29.94
C PHE B 145 -12.36 -7.99 -30.47
N ASP B 146 -13.53 -8.63 -30.56
CA ASP B 146 -13.58 -9.98 -31.10
C ASP B 146 -13.02 -10.03 -32.52
N ASN B 147 -13.37 -9.04 -33.35
CA ASN B 147 -12.83 -9.00 -34.71
C ASN B 147 -11.33 -8.75 -34.73
N ALA B 148 -10.82 -7.91 -33.84
CA ALA B 148 -9.41 -7.55 -33.88
C ALA B 148 -8.50 -8.57 -33.23
N LYS B 149 -9.05 -9.43 -32.37
CA LYS B 149 -8.25 -10.16 -31.39
C LYS B 149 -7.14 -10.99 -32.04
N ALA B 150 -7.45 -11.72 -33.12
CA ALA B 150 -6.46 -12.61 -33.70
C ALA B 150 -5.26 -11.84 -34.24
N SER B 151 -5.46 -10.59 -34.65
CA SER B 151 -4.38 -9.79 -35.19
CA SER B 151 -4.38 -9.77 -35.20
C SER B 151 -3.55 -9.09 -34.12
N LEU B 152 -4.07 -8.97 -32.90
CA LEU B 152 -3.37 -8.24 -31.85
C LEU B 152 -2.12 -8.98 -31.41
N ASP B 153 -1.13 -8.21 -30.94
CA ASP B 153 0.09 -8.82 -30.40
C ASP B 153 -0.25 -9.79 -29.28
N SER B 154 -1.21 -9.43 -28.42
N SER B 154 -1.19 -9.42 -28.42
CA SER B 154 -1.71 -10.26 -27.34
CA SER B 154 -1.73 -10.27 -27.37
C SER B 154 -3.22 -10.04 -27.31
C SER B 154 -3.24 -10.05 -27.37
N PRO B 155 -4.03 -11.09 -27.10
CA PRO B 155 -5.50 -10.94 -27.22
C PRO B 155 -6.14 -10.30 -26.00
N VAL B 156 -5.81 -9.02 -25.75
CA VAL B 156 -6.22 -8.32 -24.55
C VAL B 156 -6.56 -6.88 -24.92
N PHE B 157 -7.36 -6.24 -24.06
CA PHE B 157 -7.45 -4.79 -24.04
C PHE B 157 -7.40 -4.35 -22.58
N THR B 158 -7.01 -3.09 -22.37
CA THR B 158 -6.90 -2.57 -21.01
C THR B 158 -7.68 -1.26 -20.89
N ALA B 159 -8.24 -1.05 -19.71
CA ALA B 159 -8.93 0.18 -19.37
C ALA B 159 -8.21 0.86 -18.23
N ASP B 160 -7.85 2.12 -18.43
CA ASP B 160 -7.14 2.94 -17.44
C ASP B 160 -7.90 4.26 -17.38
N LEU B 161 -9.00 4.27 -16.63
CA LEU B 161 -9.86 5.44 -16.57
C LEU B 161 -9.32 6.41 -15.51
N GLY B 162 -9.42 7.70 -15.80
CA GLY B 162 -8.97 8.72 -14.87
C GLY B 162 -10.09 9.23 -13.98
N TYR B 163 -9.71 9.70 -12.79
CA TYR B 163 -10.62 10.41 -11.91
C TYR B 163 -10.58 11.88 -12.31
N HIS B 164 -11.72 12.39 -12.78
CA HIS B 164 -11.83 13.79 -13.21
C HIS B 164 -10.73 14.15 -14.20
N ALA B 165 -10.40 13.22 -15.08
CA ALA B 165 -9.30 13.40 -16.02
C ALA B 165 -9.41 12.36 -17.13
N PRO B 166 -8.78 12.59 -18.28
CA PRO B 166 -8.73 11.57 -19.33
C PRO B 166 -7.96 10.33 -18.90
N GLY B 167 -8.23 9.24 -19.62
CA GLY B 167 -7.55 7.98 -19.41
C GLY B 167 -7.27 7.31 -20.75
N THR B 168 -7.07 5.99 -20.75
CA THR B 168 -6.56 5.31 -21.93
C THR B 168 -7.19 3.94 -22.09
N TYR B 169 -7.58 3.61 -23.33
CA TYR B 169 -7.91 2.26 -23.75
C TYR B 169 -6.79 1.78 -24.67
N ASN B 170 -6.12 0.69 -24.29
CA ASN B 170 -5.10 0.05 -25.13
C ASN B 170 -5.60 -1.30 -25.61
N PHE B 171 -5.24 -1.65 -26.83
CA PHE B 171 -5.57 -2.93 -27.44
C PHE B 171 -4.29 -3.64 -27.84
N GLY B 172 -4.12 -4.86 -27.34
CA GLY B 172 -3.07 -5.74 -27.81
C GLY B 172 -1.78 -5.70 -27.00
N PHE B 173 -1.70 -4.90 -25.94
CA PHE B 173 -0.48 -4.84 -25.15
C PHE B 173 -0.81 -4.30 -23.78
N ILE B 174 0.07 -4.59 -22.82
CA ILE B 174 -0.03 -4.10 -21.44
C ILE B 174 1.09 -3.09 -21.23
N ASP B 175 0.71 -1.85 -20.89
CA ASP B 175 1.68 -0.78 -20.64
C ASP B 175 2.14 -0.90 -19.20
N THR B 176 3.34 -1.44 -19.00
CA THR B 176 3.81 -1.72 -17.64
C THR B 176 4.15 -0.46 -16.86
N THR B 177 4.10 0.72 -17.47
CA THR B 177 4.28 1.97 -16.76
C THR B 177 2.98 2.56 -16.25
N ALA B 178 1.84 1.95 -16.58
CA ALA B 178 0.54 2.51 -16.24
C ALA B 178 0.00 2.02 -14.91
N TYR B 179 0.72 1.17 -14.19
CA TYR B 179 0.25 0.66 -12.91
C TYR B 179 1.44 0.50 -11.98
N THR B 180 1.14 0.27 -10.70
CA THR B 180 2.13 -0.04 -9.69
C THR B 180 1.97 -1.49 -9.25
N GLY B 181 3.04 -2.05 -8.68
CA GLY B 181 2.97 -3.42 -8.19
C GLY B 181 2.71 -4.40 -9.32
N SER B 182 1.96 -5.45 -8.99
N SER B 182 1.96 -5.45 -8.99
CA SER B 182 1.65 -6.51 -9.94
CA SER B 182 1.66 -6.52 -9.95
C SER B 182 0.17 -6.50 -10.31
C SER B 182 0.17 -6.53 -10.29
N ILE B 183 -0.14 -7.14 -11.42
CA ILE B 183 -1.52 -7.37 -11.85
C ILE B 183 -1.97 -8.70 -11.25
N THR B 184 -3.10 -8.70 -10.56
CA THR B 184 -3.70 -9.94 -10.07
C THR B 184 -4.84 -10.32 -10.98
N TYR B 185 -4.79 -11.55 -11.50
CA TYR B 185 -5.80 -12.05 -12.42
C TYR B 185 -6.82 -12.91 -11.68
N THR B 186 -8.05 -12.87 -12.15
CA THR B 186 -9.15 -13.54 -11.49
C THR B 186 -10.08 -14.14 -12.55
N ALA B 187 -10.76 -15.22 -12.17
CA ALA B 187 -11.55 -15.99 -13.14
C ALA B 187 -12.76 -15.20 -13.63
N VAL B 188 -13.14 -15.45 -14.87
CA VAL B 188 -14.29 -14.81 -15.50
C VAL B 188 -15.29 -15.90 -15.91
N SER B 189 -16.57 -15.64 -15.67
CA SER B 189 -17.64 -16.45 -16.24
C SER B 189 -18.25 -15.67 -17.39
N THR B 190 -18.33 -16.28 -18.57
CA THR B 190 -18.97 -15.68 -19.73
C THR B 190 -20.41 -16.13 -19.91
N LYS B 191 -20.97 -16.83 -18.92
CA LYS B 191 -22.27 -17.46 -19.11
C LYS B 191 -23.41 -16.46 -19.29
N GLN B 192 -23.27 -15.24 -18.77
CA GLN B 192 -24.26 -14.19 -19.00
C GLN B 192 -23.81 -13.18 -20.04
N GLY B 193 -22.68 -13.42 -20.71
CA GLY B 193 -22.19 -12.54 -21.74
C GLY B 193 -21.34 -11.39 -21.26
N PHE B 194 -21.07 -11.30 -19.95
CA PHE B 194 -20.35 -10.20 -19.34
C PHE B 194 -18.96 -10.63 -18.90
N TRP B 195 -18.12 -9.62 -18.59
CA TRP B 195 -16.87 -9.85 -17.89
C TRP B 195 -17.21 -10.00 -16.41
N GLU B 196 -17.74 -11.17 -16.05
CA GLU B 196 -18.30 -11.43 -14.74
C GLU B 196 -17.28 -12.17 -13.89
N TRP B 197 -17.08 -11.71 -12.66
CA TRP B 197 -16.02 -12.20 -11.79
C TRP B 197 -16.52 -12.15 -10.36
N THR B 198 -15.73 -12.67 -9.43
CA THR B 198 -16.11 -12.71 -8.02
C THR B 198 -15.07 -12.00 -7.17
N SER B 199 -15.43 -10.84 -6.61
CA SER B 199 -14.57 -10.16 -5.67
C SER B 199 -14.52 -10.93 -4.35
N THR B 200 -13.39 -10.86 -3.67
CA THR B 200 -13.20 -11.60 -2.43
C THR B 200 -13.67 -10.86 -1.18
N GLY B 201 -14.11 -9.61 -1.28
CA GLY B 201 -14.67 -8.93 -0.13
C GLY B 201 -14.43 -7.43 -0.19
N TYR B 202 -14.61 -6.76 0.95
CA TYR B 202 -14.56 -5.31 0.96
C TYR B 202 -14.17 -4.79 2.34
N ALA B 203 -13.73 -3.54 2.36
CA ALA B 203 -13.55 -2.79 3.60
C ALA B 203 -14.07 -1.37 3.40
N VAL B 204 -14.52 -0.75 4.49
CA VAL B 204 -14.98 0.64 4.49
C VAL B 204 -13.94 1.47 5.24
N GLY B 205 -13.37 2.45 4.57
CA GLY B 205 -12.37 3.28 5.20
C GLY B 205 -11.25 2.44 5.77
N SER B 206 -10.85 2.73 7.00
CA SER B 206 -9.81 2.00 7.70
CA SER B 206 -9.81 2.00 7.70
C SER B 206 -10.33 0.77 8.43
N GLY B 207 -11.58 0.38 8.19
CA GLY B 207 -12.15 -0.76 8.86
C GLY B 207 -11.53 -2.07 8.39
N THR B 208 -11.83 -3.13 9.13
CA THR B 208 -11.29 -4.43 8.79
CA THR B 208 -11.32 -4.45 8.82
C THR B 208 -11.95 -4.98 7.52
N PHE B 209 -11.20 -5.79 6.81
CA PHE B 209 -11.67 -6.37 5.56
C PHE B 209 -12.63 -7.52 5.84
N LYS B 210 -13.79 -7.50 5.18
CA LYS B 210 -14.80 -8.55 5.29
C LYS B 210 -14.63 -9.49 4.11
N SER B 211 -14.26 -10.73 4.39
CA SER B 211 -14.12 -11.75 3.34
C SER B 211 -15.50 -12.29 2.99
N THR B 212 -15.93 -12.04 1.76
CA THR B 212 -17.23 -12.48 1.28
C THR B 212 -17.23 -12.41 -0.24
N SER B 213 -17.83 -13.39 -0.88
CA SER B 213 -17.84 -13.44 -2.33
C SER B 213 -18.88 -12.48 -2.90
N ILE B 214 -18.46 -11.60 -3.78
CA ILE B 214 -19.36 -10.65 -4.44
C ILE B 214 -19.21 -10.86 -5.94
N ASP B 215 -20.19 -11.50 -6.56
CA ASP B 215 -20.18 -11.72 -8.00
C ASP B 215 -20.70 -10.47 -8.70
N GLY B 216 -19.97 -10.00 -9.70
CA GLY B 216 -20.41 -8.81 -10.41
C GLY B 216 -19.67 -8.68 -11.73
N ILE B 217 -19.99 -7.62 -12.48
CA ILE B 217 -19.42 -7.44 -13.81
C ILE B 217 -18.52 -6.20 -13.84
N ALA B 218 -17.43 -6.30 -14.58
CA ALA B 218 -16.53 -5.16 -14.80
C ALA B 218 -17.09 -4.39 -15.99
N ASP B 219 -17.61 -3.19 -15.73
CA ASP B 219 -18.42 -2.48 -16.71
C ASP B 219 -18.01 -1.01 -16.87
N THR B 220 -17.22 -0.73 -17.91
CA THR B 220 -16.80 0.64 -18.19
C THR B 220 -17.96 1.56 -18.56
N GLY B 221 -19.09 1.00 -19.01
CA GLY B 221 -20.24 1.79 -19.40
C GLY B 221 -21.18 2.18 -18.29
N THR B 222 -20.99 1.68 -17.08
CA THR B 222 -21.78 2.07 -15.93
C THR B 222 -20.98 3.06 -15.10
N THR B 223 -21.63 4.15 -14.67
CA THR B 223 -20.93 5.24 -14.00
C THR B 223 -20.52 4.86 -12.58
N LEU B 224 -21.42 4.21 -11.85
CA LEU B 224 -21.32 4.05 -10.40
C LEU B 224 -20.94 2.61 -10.05
N LEU B 225 -20.75 2.38 -8.74
CA LEU B 225 -20.48 1.06 -8.20
C LEU B 225 -21.77 0.56 -7.54
N TYR B 226 -22.35 -0.52 -8.08
CA TYR B 226 -23.61 -1.07 -7.58
C TYR B 226 -23.33 -2.41 -6.90
N LEU B 227 -23.62 -2.49 -5.61
CA LEU B 227 -23.27 -3.65 -4.79
C LEU B 227 -24.47 -4.06 -3.94
N PRO B 228 -24.39 -5.22 -3.27
CA PRO B 228 -25.56 -5.68 -2.51
C PRO B 228 -25.94 -4.68 -1.42
N ALA B 229 -27.23 -4.65 -1.09
CA ALA B 229 -27.72 -3.67 -0.12
C ALA B 229 -27.01 -3.74 1.21
N THR B 230 -26.60 -4.94 1.64
CA THR B 230 -25.89 -5.08 2.91
C THR B 230 -24.57 -4.30 2.88
N VAL B 231 -23.83 -4.46 1.78
CA VAL B 231 -22.53 -3.81 1.63
C VAL B 231 -22.71 -2.30 1.58
N VAL B 232 -23.69 -1.86 0.79
CA VAL B 232 -23.89 -0.42 0.58
C VAL B 232 -24.35 0.25 1.86
N SER B 233 -25.24 -0.41 2.62
CA SER B 233 -25.67 0.11 3.91
C SER B 233 -24.49 0.28 4.85
N ALA B 234 -23.59 -0.72 4.87
CA ALA B 234 -22.42 -0.64 5.75
C ALA B 234 -21.51 0.53 5.38
N TYR B 235 -21.39 0.82 4.07
CA TYR B 235 -20.58 1.96 3.66
C TYR B 235 -21.20 3.27 4.14
N TRP B 236 -22.48 3.49 3.81
CA TRP B 236 -23.08 4.80 4.09
C TRP B 236 -23.31 5.02 5.59
N ALA B 237 -23.35 3.95 6.38
CA ALA B 237 -23.46 4.11 7.83
C ALA B 237 -22.23 4.81 8.41
N GLN B 238 -21.13 4.84 7.68
CA GLN B 238 -19.91 5.52 8.13
C GLN B 238 -19.82 6.96 7.63
N VAL B 239 -20.90 7.49 7.04
CA VAL B 239 -20.97 8.87 6.56
C VAL B 239 -22.05 9.58 7.37
N SER B 240 -21.65 10.54 8.19
CA SER B 240 -22.61 11.21 9.07
CA SER B 240 -22.60 11.22 9.07
C SER B 240 -23.62 11.98 8.26
N GLY B 241 -24.90 11.70 8.50
CA GLY B 241 -25.98 12.37 7.80
C GLY B 241 -26.41 11.73 6.51
N ALA B 242 -25.73 10.69 6.04
CA ALA B 242 -26.12 10.03 4.81
C ALA B 242 -27.40 9.22 5.01
N LYS B 243 -28.21 9.14 3.95
CA LYS B 243 -29.47 8.41 4.01
C LYS B 243 -29.85 7.97 2.61
N SER B 244 -30.61 6.88 2.52
CA SER B 244 -31.19 6.48 1.25
C SER B 244 -32.46 7.28 1.02
N SER B 245 -32.53 7.97 -0.10
CA SER B 245 -33.66 8.84 -0.42
C SER B 245 -34.49 8.16 -1.51
N SER B 246 -35.74 7.82 -1.18
CA SER B 246 -36.61 7.21 -2.18
C SER B 246 -36.88 8.17 -3.34
N SER B 247 -37.02 9.47 -3.05
CA SER B 247 -37.35 10.42 -4.11
C SER B 247 -36.18 10.64 -5.05
N VAL B 248 -34.95 10.71 -4.51
CA VAL B 248 -33.79 10.91 -5.35
C VAL B 248 -33.41 9.62 -6.09
N GLY B 249 -33.68 8.47 -5.48
CA GLY B 249 -33.34 7.20 -6.07
C GLY B 249 -32.05 6.57 -5.58
N GLY B 250 -31.60 6.89 -4.37
CA GLY B 250 -30.43 6.26 -3.83
C GLY B 250 -29.91 7.02 -2.63
N TYR B 251 -28.70 6.64 -2.22
CA TYR B 251 -28.06 7.26 -1.07
C TYR B 251 -27.53 8.65 -1.42
N VAL B 252 -27.79 9.59 -0.50
CA VAL B 252 -27.36 10.98 -0.60
C VAL B 252 -26.66 11.33 0.72
N PHE B 253 -25.87 12.40 0.71
CA PHE B 253 -25.10 12.74 1.89
C PHE B 253 -24.84 14.24 1.89
N PRO B 254 -24.60 14.84 3.05
CA PRO B 254 -24.35 16.29 3.10
C PRO B 254 -23.09 16.62 2.32
N CYS B 255 -23.19 17.63 1.45
CA CYS B 255 -22.03 17.92 0.59
C CYS B 255 -20.79 18.30 1.40
N SER B 256 -20.94 18.78 2.64
CA SER B 256 -19.81 19.14 3.47
C SER B 256 -19.11 17.94 4.11
N ALA B 257 -19.66 16.74 4.00
CA ALA B 257 -19.08 15.57 4.62
C ALA B 257 -17.87 15.08 3.84
N THR B 258 -16.94 14.46 4.58
CA THR B 258 -15.78 13.82 3.98
C THR B 258 -16.06 12.33 3.89
N LEU B 259 -15.90 11.77 2.70
CA LEU B 259 -16.28 10.38 2.47
C LEU B 259 -15.11 9.44 2.76
N PRO B 260 -15.37 8.29 3.38
CA PRO B 260 -14.31 7.29 3.55
C PRO B 260 -14.05 6.56 2.24
N SER B 261 -12.85 5.97 2.16
CA SER B 261 -12.54 5.12 1.01
C SER B 261 -13.36 3.84 1.06
N PHE B 262 -13.32 3.10 -0.06
CA PHE B 262 -13.94 1.78 -0.16
C PHE B 262 -12.94 0.85 -0.83
N THR B 263 -12.65 -0.28 -0.20
CA THR B 263 -11.68 -1.24 -0.73
C THR B 263 -12.42 -2.50 -1.20
N PHE B 264 -12.07 -3.01 -2.37
CA PHE B 264 -12.58 -4.29 -2.83
C PHE B 264 -11.44 -5.27 -3.11
N GLY B 265 -11.73 -6.55 -2.89
CA GLY B 265 -10.72 -7.59 -3.04
C GLY B 265 -10.72 -8.19 -4.43
N VAL B 266 -9.51 -8.47 -4.92
CA VAL B 266 -9.28 -9.23 -6.14
C VAL B 266 -8.30 -10.33 -5.73
N GLY B 267 -8.81 -11.54 -5.53
CA GLY B 267 -7.99 -12.55 -4.86
C GLY B 267 -7.48 -11.99 -3.54
N SER B 268 -6.18 -12.15 -3.30
CA SER B 268 -5.55 -11.59 -2.11
CA SER B 268 -5.57 -11.58 -2.10
C SER B 268 -5.21 -10.11 -2.25
N ALA B 269 -5.33 -9.56 -3.45
CA ALA B 269 -5.02 -8.15 -3.67
C ALA B 269 -6.20 -7.26 -3.26
N ARG B 270 -5.90 -5.97 -3.13
CA ARG B 270 -6.89 -5.00 -2.67
C ARG B 270 -6.81 -3.76 -3.57
N ILE B 271 -7.96 -3.27 -4.01
CA ILE B 271 -8.07 -2.02 -4.77
C ILE B 271 -8.78 -1.01 -3.89
N VAL B 272 -8.15 0.13 -3.67
CA VAL B 272 -8.67 1.17 -2.79
C VAL B 272 -9.28 2.29 -3.62
N ILE B 273 -10.58 2.51 -3.46
CA ILE B 273 -11.28 3.63 -4.10
C ILE B 273 -11.25 4.81 -3.13
N PRO B 274 -10.55 5.90 -3.44
CA PRO B 274 -10.54 7.06 -2.53
C PRO B 274 -11.95 7.62 -2.34
N GLY B 275 -12.19 8.17 -1.15
CA GLY B 275 -13.50 8.72 -0.85
C GLY B 275 -14.00 9.72 -1.88
N ASP B 276 -13.11 10.57 -2.38
N ASP B 276 -13.13 10.59 -2.38
CA ASP B 276 -13.51 11.59 -3.35
CA ASP B 276 -13.65 11.59 -3.30
C ASP B 276 -14.15 10.98 -4.59
C ASP B 276 -14.10 11.02 -4.65
N TYR B 277 -13.74 9.77 -4.97
CA TYR B 277 -14.28 9.15 -6.19
C TYR B 277 -15.76 8.82 -6.03
N ILE B 278 -16.27 8.84 -4.79
CA ILE B 278 -17.62 8.43 -4.47
C ILE B 278 -18.58 9.64 -4.41
N ASP B 279 -18.08 10.84 -4.65
CA ASP B 279 -18.87 12.07 -4.59
C ASP B 279 -19.35 12.44 -6.00
N PHE B 280 -20.66 12.42 -6.21
CA PHE B 280 -21.23 12.81 -7.50
C PHE B 280 -21.98 14.15 -7.45
N GLY B 281 -21.68 14.97 -6.45
CA GLY B 281 -22.10 16.35 -6.46
C GLY B 281 -23.56 16.57 -6.09
N PRO B 282 -23.99 17.83 -6.09
CA PRO B 282 -25.35 18.15 -5.65
C PRO B 282 -26.42 17.39 -6.41
N ILE B 283 -27.47 16.97 -5.68
CA ILE B 283 -28.54 16.19 -6.29
C ILE B 283 -29.31 17.00 -7.31
N SER B 284 -29.39 18.32 -7.12
CA SER B 284 -29.94 19.26 -8.08
C SER B 284 -29.15 20.54 -7.93
N THR B 285 -29.19 21.39 -8.96
CA THR B 285 -28.37 22.59 -8.95
C THR B 285 -28.63 23.44 -7.70
N GLY B 286 -27.57 23.76 -6.97
CA GLY B 286 -27.66 24.59 -5.80
C GLY B 286 -27.97 23.87 -4.51
N SER B 287 -28.24 22.56 -4.56
CA SER B 287 -28.50 21.82 -3.33
C SER B 287 -27.23 21.58 -2.54
N SER B 288 -27.39 21.47 -1.22
CA SER B 288 -26.31 21.06 -0.32
C SER B 288 -26.36 19.57 0.01
N SER B 289 -27.24 18.82 -0.65
CA SER B 289 -27.26 17.36 -0.54
CA SER B 289 -27.28 17.36 -0.54
C SER B 289 -26.62 16.80 -1.80
N CYS B 290 -25.75 15.81 -1.63
CA CYS B 290 -24.93 15.27 -2.71
C CYS B 290 -25.26 13.80 -2.97
N PHE B 291 -25.08 13.39 -4.23
CA PHE B 291 -25.42 12.02 -4.63
C PHE B 291 -24.22 11.10 -4.48
N GLY B 292 -24.45 9.91 -3.91
CA GLY B 292 -23.37 8.96 -3.68
C GLY B 292 -23.03 8.10 -4.90
N GLY B 293 -21.76 7.71 -4.97
CA GLY B 293 -21.26 6.89 -6.06
C GLY B 293 -21.26 5.40 -5.82
N ILE B 294 -21.68 4.95 -4.63
CA ILE B 294 -21.90 3.56 -4.29
C ILE B 294 -23.38 3.42 -4.00
N GLN B 295 -24.05 2.54 -4.74
CA GLN B 295 -25.50 2.40 -4.65
C GLN B 295 -25.87 0.92 -4.65
N SER B 296 -27.08 0.63 -4.17
CA SER B 296 -27.55 -0.75 -4.11
C SER B 296 -27.85 -1.30 -5.50
N SER B 297 -27.45 -2.54 -5.73
CA SER B 297 -27.78 -3.26 -6.96
C SER B 297 -29.12 -4.01 -6.86
N ALA B 298 -29.84 -3.88 -5.75
N ALA B 298 -29.84 -3.88 -5.75
CA ALA B 298 -31.13 -4.56 -5.62
CA ALA B 298 -30.95 -4.80 -5.47
C ALA B 298 -32.08 -4.08 -6.71
C ALA B 298 -31.94 -4.89 -6.63
N GLY B 299 -32.71 -5.03 -7.39
N GLY B 299 -32.25 -3.77 -7.27
CA GLY B 299 -33.54 -4.72 -8.52
CA GLY B 299 -33.22 -3.76 -8.35
C GLY B 299 -32.80 -4.73 -9.85
C GLY B 299 -32.63 -3.90 -9.74
N ILE B 300 -31.48 -4.56 -9.85
CA ILE B 300 -30.75 -4.69 -11.10
C ILE B 300 -30.64 -6.15 -11.54
N GLY B 301 -30.49 -7.06 -10.57
CA GLY B 301 -30.26 -8.45 -10.87
C GLY B 301 -28.81 -8.85 -10.95
N ILE B 302 -27.89 -7.90 -10.84
CA ILE B 302 -26.46 -8.17 -10.92
C ILE B 302 -25.71 -7.01 -10.28
N ASN B 303 -24.59 -7.32 -9.65
CA ASN B 303 -23.70 -6.29 -9.13
C ASN B 303 -22.83 -5.76 -10.25
N ILE B 304 -22.53 -4.46 -10.21
CA ILE B 304 -21.81 -3.81 -11.31
C ILE B 304 -20.63 -3.03 -10.76
N PHE B 305 -19.43 -3.47 -11.10
CA PHE B 305 -18.21 -2.71 -10.84
C PHE B 305 -18.04 -1.72 -11.99
N GLY B 306 -18.70 -0.58 -11.85
CA GLY B 306 -18.67 0.48 -12.83
C GLY B 306 -17.48 1.40 -12.63
N ASP B 307 -17.57 2.59 -13.23
CA ASP B 307 -16.39 3.46 -13.34
C ASP B 307 -15.84 3.86 -11.98
N VAL B 308 -16.72 4.06 -10.99
CA VAL B 308 -16.23 4.42 -9.64
C VAL B 308 -15.19 3.42 -9.15
N ALA B 309 -15.42 2.12 -9.39
CA ALA B 309 -14.44 1.10 -9.02
C ALA B 309 -13.31 1.00 -10.04
N LEU B 310 -13.65 0.93 -11.34
CA LEU B 310 -12.61 0.68 -12.34
C LEU B 310 -11.58 1.80 -12.43
N LYS B 311 -11.98 3.05 -12.20
CA LYS B 311 -11.03 4.14 -12.34
C LYS B 311 -10.00 4.16 -11.23
N ALA B 312 -10.20 3.39 -10.17
CA ALA B 312 -9.18 3.21 -9.14
C ALA B 312 -8.15 2.16 -9.52
N ALA B 313 -8.25 1.53 -10.70
CA ALA B 313 -7.40 0.42 -11.06
C ALA B 313 -6.96 0.53 -12.51
N PHE B 314 -5.91 -0.22 -12.83
CA PHE B 314 -5.56 -0.59 -14.20
C PHE B 314 -6.16 -1.96 -14.44
N VAL B 315 -7.03 -2.07 -15.45
CA VAL B 315 -7.85 -3.26 -15.64
C VAL B 315 -7.52 -3.93 -16.96
N VAL B 316 -7.20 -5.22 -16.91
CA VAL B 316 -6.88 -6.03 -18.09
C VAL B 316 -8.08 -6.91 -18.41
N PHE B 317 -8.61 -6.76 -19.62
CA PHE B 317 -9.67 -7.63 -20.15
C PHE B 317 -8.94 -8.63 -21.05
N ASN B 318 -8.70 -9.83 -20.53
CA ASN B 318 -7.87 -10.82 -21.21
C ASN B 318 -8.78 -11.76 -21.99
N GLY B 319 -8.73 -11.65 -23.32
CA GLY B 319 -9.57 -12.45 -24.19
C GLY B 319 -8.91 -13.71 -24.71
N ALA B 320 -8.02 -14.30 -23.91
CA ALA B 320 -7.47 -15.61 -24.20
C ALA B 320 -8.61 -16.64 -24.31
N THR B 321 -8.23 -17.84 -24.77
CA THR B 321 -9.21 -18.91 -24.96
C THR B 321 -10.13 -19.06 -23.75
N THR B 322 -9.56 -19.02 -22.55
CA THR B 322 -10.33 -18.89 -21.32
C THR B 322 -10.13 -17.47 -20.81
N PRO B 323 -11.10 -16.57 -20.96
N PRO B 323 -11.09 -16.57 -20.99
CA PRO B 323 -10.88 -15.18 -20.58
CA PRO B 323 -10.88 -15.18 -20.58
C PRO B 323 -10.70 -15.02 -19.08
C PRO B 323 -10.67 -15.03 -19.09
N THR B 324 -9.92 -13.99 -18.71
CA THR B 324 -9.74 -13.63 -17.31
C THR B 324 -9.72 -12.11 -17.22
N LEU B 325 -9.76 -11.62 -15.99
CA LEU B 325 -9.67 -10.20 -15.70
CA LEU B 325 -9.69 -10.19 -15.68
C LEU B 325 -8.47 -9.96 -14.80
N GLY B 326 -7.72 -8.89 -15.08
CA GLY B 326 -6.60 -8.50 -14.24
C GLY B 326 -6.83 -7.12 -13.64
N PHE B 327 -6.41 -6.93 -12.39
CA PHE B 327 -6.52 -5.65 -11.71
C PHE B 327 -5.17 -5.32 -11.07
N ALA B 328 -4.72 -4.07 -11.25
CA ALA B 328 -3.57 -3.54 -10.55
C ALA B 328 -3.91 -2.18 -9.97
N SER B 329 -3.28 -1.85 -8.84
CA SER B 329 -3.33 -0.47 -8.34
C SER B 329 -2.51 0.43 -9.27
N LYS B 330 -2.71 1.73 -9.15
CA LYS B 330 -2.00 2.65 -10.03
C LYS B 330 -1.78 4.01 -9.40
N1 017 C . 11.92 2.54 25.20
C2 017 C . 11.44 1.82 24.06
C3 017 C . 10.75 0.60 24.21
C4 017 C . 10.33 -0.12 23.11
C5 017 C . 10.59 0.36 21.83
C6 017 C . 11.27 1.55 21.64
C7 017 C . 11.68 2.28 22.75
S8 017 C . 10.02 -0.57 20.45
O9 017 C . 9.67 -1.87 20.93
O10 017 C . 9.04 0.20 19.75
N11 017 C . 11.26 -0.77 19.40
C12 017 C . 10.99 -0.57 17.96
C13 017 C . 11.22 0.87 17.51
C14 017 C . 12.65 1.31 17.68
C15 017 C . 10.77 1.05 16.06
C16 017 C . 12.36 -1.68 19.78
C17 017 C . 12.36 -3.01 19.04
O18 017 C . 13.65 -3.61 19.14
C19 017 C . 11.29 -4.00 19.54
N20 017 C . 11.06 -5.05 18.55
C21 017 C . 9.85 -5.25 18.00
O22 017 C . 8.84 -4.68 18.33
O23 017 C . 9.91 -6.22 17.07
C24 017 C . 8.68 -6.51 16.34
C25 017 C . 9.09 -7.21 15.06
O26 017 C . 7.97 -8.06 14.76
C27 017 C . 7.50 -8.58 15.99
O28 017 C . 8.14 -9.81 16.32
C29 017 C . 9.13 -9.56 17.31
C30 017 C . 8.58 -8.43 18.14
C31 017 C . 7.86 -7.56 17.09
C32 017 C . 11.67 -4.62 20.89
C33 017 C . 10.60 -6.85 21.41
C34 017 C . 9.59 -7.61 21.95
C35 017 C . 8.54 -7.01 22.61
C36 017 C . 8.49 -5.63 22.70
C37 017 C . 9.50 -4.86 22.14
C38 017 C . 10.57 -5.46 21.49
S DMS D . 11.37 -16.99 15.69
O DMS D . 12.30 -15.89 15.27
C1 DMS D . 10.05 -17.18 14.45
C2 DMS D . 12.22 -18.59 15.54
H11 DMS D . 9.54 -16.26 14.34
H12 DMS D . 9.38 -17.93 14.77
H13 DMS D . 10.49 -17.45 13.52
H21 DMS D . 12.97 -18.51 14.80
H22 DMS D . 11.52 -19.33 15.27
H23 DMS D . 12.67 -18.83 16.46
NA NA E . 35.96 4.34 24.64
N1 017 F . -24.78 4.43 -13.50
N1 017 F . -25.28 6.62 -16.57
C2 017 F . -25.23 3.69 -14.65
C2 017 F . -25.63 5.36 -17.01
C3 017 F . -25.86 2.44 -14.50
C3 017 F . -24.99 4.22 -16.53
C4 017 F . -26.29 1.71 -15.60
C4 017 F . -25.34 2.96 -16.96
C5 017 F . -26.09 2.23 -16.87
C5 017 F . -26.35 2.82 -17.91
C6 017 F . -25.47 3.45 -17.06
C6 017 F . -27.00 3.94 -18.42
C7 017 F . -25.05 4.17 -15.95
C7 017 F . -26.64 5.20 -17.97
S8 017 F . -26.65 1.31 -18.27
S8 017 F . -26.79 1.22 -18.49
O9 017 F . -27.03 0.01 -17.82
O9 017 F . -26.59 0.30 -17.42
O10 017 F . -27.59 2.12 -18.99
O10 017 F . -28.06 1.33 -19.13
N11 017 F . -25.38 1.10 -19.28
N11 017 F . -25.71 0.83 -19.65
C12 017 F . -25.65 1.20 -20.74
C12 017 F . -26.01 1.18 -21.05
C13 017 F . -25.51 2.62 -21.27
C13 017 F . -25.64 2.62 -21.39
C14 017 F . -24.11 3.16 -21.09
C14 017 F . -24.16 2.89 -21.20
C15 017 F . -25.91 2.67 -22.75
C15 017 F . -26.05 2.95 -22.83
C16 017 F . -24.36 0.11 -18.89
C16 017 F . -24.45 0.16 -19.28
C17 017 F . -24.38 -1.15 -19.72
C17 017 F . -24.33 -1.25 -19.84
O18 017 F . -23.09 -1.75 -19.74
O18 017 F . -23.03 -1.77 -19.57
C19 017 F . -25.44 -2.16 -19.25
C19 017 F . -25.41 -2.20 -19.29
N20 017 F . -25.64 -3.21 -20.24
N20 017 F . -25.65 -3.29 -20.24
C21 017 F . -26.84 -3.45 -20.79
C21 017 F . -26.85 -3.47 -20.81
O22 017 F . -27.87 -2.88 -20.48
O22 017 F . -27.84 -2.82 -20.57
O23 017 F . -26.75 -4.43 -21.72
O23 017 F . -26.80 -4.50 -21.69
C24 017 F . -27.98 -4.77 -22.44
C24 017 F . -28.02 -4.78 -22.43
C25 017 F . -27.59 -5.53 -23.69
C25 017 F . -27.65 -5.54 -23.69
O26 017 F . -28.73 -6.35 -23.96
O26 017 F . -28.79 -6.35 -23.96
C27 017 F . -29.20 -6.81 -22.71
C27 017 F . -29.25 -6.83 -22.71
O28 017 F . -28.58 -8.03 -22.35
O28 017 F . -28.61 -8.03 -22.36
C29 017 F . -27.58 -7.75 -21.36
C29 017 F . -27.65 -7.76 -21.35
C30 017 F . -28.12 -6.60 -20.58
C30 017 F . -28.21 -6.61 -20.57
C31 017 F . -28.84 -5.76 -21.66
C31 017 F . -28.90 -5.77 -21.66
C32 017 F . -25.04 -2.77 -17.91
C32 017 F . -25.03 -2.76 -17.93
C33 017 F . -26.06 -5.01 -17.36
C33 017 F . -26.06 -4.99 -17.38
C34 017 F . -27.07 -5.79 -16.81
C34 017 F . -27.06 -5.77 -16.83
C35 017 F . -28.14 -5.20 -16.19
C35 017 F . -28.13 -5.17 -16.19
C36 017 F . -28.22 -3.83 -16.10
C36 017 F . -28.19 -3.80 -16.11
C37 017 F . -27.21 -3.04 -16.65
C37 017 F . -27.19 -3.02 -16.67
C38 017 F . -26.13 -3.63 -17.29
C38 017 F . -26.11 -3.61 -17.31
C1 EDO G . -28.74 -9.45 -15.51
O1 EDO G . -29.59 -8.57 -14.76
C2 EDO G . -28.58 -8.92 -16.93
O2 EDO G . -28.44 -10.01 -17.84
H11 EDO G . -27.76 -9.52 -15.03
H12 EDO G . -29.17 -10.45 -15.53
HO1 EDO G . -29.35 -8.61 -13.83
H21 EDO G . -29.45 -8.33 -17.20
H22 EDO G . -27.70 -8.27 -16.99
HO2 EDO G . -28.12 -9.68 -18.70
S DMS H . -18.99 11.31 8.48
O DMS H . -18.44 11.36 7.08
C1 DMS H . -17.97 10.18 9.48
C2 DMS H . -18.65 12.88 9.32
H11 DMS H . -17.19 9.78 8.88
H12 DMS H . -18.57 9.40 9.85
H13 DMS H . -17.55 10.72 10.29
H21 DMS H . -18.27 13.58 8.63
H22 DMS H . -17.94 12.73 10.09
H23 DMS H . -19.56 13.25 9.74
NA NA I . -0.78 6.33 -14.34
#